data_4NCN
#
_entry.id   4NCN
#
_cell.length_a   55.410
_cell.length_b   114.840
_cell.length_c   65.880
_cell.angle_alpha   90.00
_cell.angle_beta   102.41
_cell.angle_gamma   90.00
#
_symmetry.space_group_name_H-M   'P 1 21 1'
#
loop_
_entity.id
_entity.type
_entity.pdbx_description
1 polymer 'Eukaryotic translation initiation factor 5B-like protein'
2 non-polymer "GUANOSINE-5'-TRIPHOSPHATE"
3 non-polymer 'MAGNESIUM ION'
4 non-polymer 'SODIUM ION'
5 non-polymer GLYCEROL
6 non-polymer 'ACETIC ACID'
7 water water
#
_entity_poly.entity_id   1
_entity_poly.type   'polypeptide(L)'
_entity_poly.pdbx_seq_one_letter_code
;SHMNKDNLRSPICCILGHVDTGKTKLLDKIRQTNVQEGEAGGITQQIGATYFPVEAIKQKTAVVNKDGKFEFKVPGLLII
DTPGHESFSNLRSRGSSLCNIAILVVDIMHGLEPQTIESLRLLRERKTPFVVALNKIDRLYGWKKIENNGFRESFALQNK
AVQNEFRNRLDQVKLQFAEQGFNSELFYENKNFARYVSLVPTSAHTGEGIPDMLKLIVQLCQERMASSLMYLSELQATVL
EVKAIEGFGVTIDVILSNGILREGDRIVLCGLEGPIKTNIRALLTPAPMRELRIKGQYIHHKEVKAAQGVKISAPGLEGA
IAGSRLLVVGPDDDEEELEEEVESDLQSLFSRVEKTGKGVSVQASTLGSLEALLDFLKDCKIPVANVGIGPVYKRDVMQC
GIMLEKAPDYAVMLCFDVKVDKEAQQYADENGIKIFTADIIYHLFDQFTKHMQEQLE
;
_entity_poly.pdbx_strand_id   A,B
#
# COMPACT_ATOMS: atom_id res chain seq x y z
N ASN A 4 -6.15 5.70 -26.44
CA ASN A 4 -5.18 6.43 -25.62
C ASN A 4 -5.53 6.40 -24.13
N LYS A 5 -4.56 6.78 -23.30
CA LYS A 5 -4.63 6.62 -21.83
C LYS A 5 -5.81 7.33 -21.12
N ASP A 6 -6.36 8.36 -21.76
CA ASP A 6 -7.43 9.14 -21.15
C ASP A 6 -8.75 8.47 -21.47
N ASN A 7 -8.66 7.39 -22.24
CA ASN A 7 -9.83 6.62 -22.53
C ASN A 7 -9.65 5.19 -22.00
N LEU A 8 -8.75 4.96 -21.04
CA LEU A 8 -8.56 3.59 -20.49
C LEU A 8 -9.79 3.25 -19.67
N ARG A 9 -10.15 1.96 -19.69
CA ARG A 9 -11.26 1.39 -18.94
C ARG A 9 -10.71 0.48 -17.87
N SER A 10 -11.26 0.56 -16.67
CA SER A 10 -10.93 -0.39 -15.61
C SER A 10 -11.83 -1.60 -15.77
N PRO A 11 -11.23 -2.80 -15.98
CA PRO A 11 -12.06 -4.01 -16.19
C PRO A 11 -12.73 -4.51 -14.93
N ILE A 12 -13.64 -5.47 -15.10
CA ILE A 12 -14.34 -6.07 -13.96
C ILE A 12 -13.91 -7.51 -13.75
N CYS A 13 -13.54 -7.83 -12.51
CA CYS A 13 -13.25 -9.21 -12.10
C CYS A 13 -14.30 -9.74 -11.08
N CYS A 14 -14.90 -10.91 -11.33
CA CYS A 14 -15.83 -11.48 -10.36
C CYS A 14 -15.07 -12.56 -9.54
N ILE A 15 -15.34 -12.68 -8.25
N ILE A 15 -15.35 -12.64 -8.24
CA ILE A 15 -14.71 -13.76 -7.49
CA ILE A 15 -14.82 -13.73 -7.43
C ILE A 15 -15.86 -14.72 -7.12
C ILE A 15 -15.98 -14.72 -7.26
N LEU A 16 -15.70 -15.99 -7.52
CA LEU A 16 -16.71 -17.04 -7.39
C LEU A 16 -16.17 -18.21 -6.62
N GLY A 17 -17.06 -19.02 -6.01
CA GLY A 17 -16.60 -20.24 -5.42
C GLY A 17 -17.59 -20.76 -4.38
N HIS A 18 -17.34 -22.00 -3.95
CA HIS A 18 -18.20 -22.65 -2.99
C HIS A 18 -18.21 -21.88 -1.64
N VAL A 19 -19.22 -22.15 -0.84
CA VAL A 19 -19.37 -21.40 0.42
C VAL A 19 -18.15 -21.61 1.35
N ASP A 20 -17.74 -20.50 1.99
CA ASP A 20 -16.66 -20.47 2.97
C ASP A 20 -15.27 -20.84 2.42
N THR A 21 -15.06 -20.71 1.11
CA THR A 21 -13.74 -21.05 0.55
C THR A 21 -12.75 -19.91 0.77
N GLY A 22 -13.25 -18.71 1.10
CA GLY A 22 -12.38 -17.58 1.50
C GLY A 22 -12.35 -16.42 0.48
N LYS A 23 -13.36 -16.33 -0.37
CA LYS A 23 -13.44 -15.20 -1.29
C LYS A 23 -13.34 -13.84 -0.59
N THR A 24 -14.22 -13.68 0.39
CA THR A 24 -14.29 -12.40 1.07
C THR A 24 -13.02 -12.23 1.95
N LYS A 25 -12.58 -13.29 2.64
CA LYS A 25 -11.36 -13.20 3.42
C LYS A 25 -10.16 -12.76 2.53
N LEU A 26 -10.08 -13.26 1.29
CA LEU A 26 -8.99 -12.80 0.39
C LEU A 26 -9.09 -11.31 0.10
N LEU A 27 -10.31 -10.90 -0.30
CA LEU A 27 -10.50 -9.46 -0.53
C LEU A 27 -10.22 -8.60 0.71
N ASP A 28 -10.60 -9.04 1.91
CA ASP A 28 -10.25 -8.30 3.15
C ASP A 28 -8.74 -8.19 3.34
N LYS A 29 -8.01 -9.27 3.01
CA LYS A 29 -6.56 -9.22 3.19
C LYS A 29 -5.96 -8.20 2.23
N ILE A 30 -6.50 -8.14 1.03
CA ILE A 30 -6.01 -7.10 0.05
C ILE A 30 -6.41 -5.67 0.42
N ARG A 31 -7.68 -5.48 0.76
CA ARG A 31 -8.18 -4.16 1.13
C ARG A 31 -7.59 -3.65 2.48
N GLN A 32 -7.23 -4.60 3.34
CA GLN A 32 -6.90 -4.43 4.76
C GLN A 32 -8.18 -4.00 5.51
N THR A 33 -9.22 -4.81 5.32
CA THR A 33 -10.50 -4.61 5.99
C THR A 33 -10.92 -5.87 6.74
N ASN A 34 -12.07 -5.77 7.39
CA ASN A 34 -12.60 -6.84 8.22
C ASN A 34 -14.09 -7.09 7.90
N VAL A 35 -14.45 -7.06 6.62
CA VAL A 35 -15.86 -7.28 6.26
C VAL A 35 -16.36 -8.65 6.71
N GLN A 36 -15.55 -9.68 6.51
CA GLN A 36 -16.02 -11.05 6.81
C GLN A 36 -16.41 -11.18 8.24
N GLU A 37 -15.64 -10.53 9.14
CA GLU A 37 -15.99 -10.67 10.55
C GLU A 37 -17.31 -10.04 10.90
N GLY A 38 -17.77 -9.06 10.10
CA GLY A 38 -19.03 -8.39 10.40
C GLY A 38 -20.23 -9.13 9.81
N GLU A 39 -19.98 -10.11 8.95
CA GLU A 39 -21.12 -10.72 8.24
C GLU A 39 -21.95 -11.62 9.15
N ALA A 40 -23.28 -11.52 9.07
CA ALA A 40 -24.11 -12.50 9.75
C ALA A 40 -23.74 -13.93 9.27
N GLY A 41 -23.56 -14.85 10.20
CA GLY A 41 -23.32 -16.21 9.77
C GLY A 41 -21.93 -16.41 9.19
N GLY A 42 -21.14 -15.35 9.12
CA GLY A 42 -19.85 -15.44 8.41
C GLY A 42 -20.07 -15.69 6.94
N ILE A 43 -21.25 -15.33 6.38
CA ILE A 43 -21.45 -15.59 4.96
C ILE A 43 -21.86 -14.32 4.22
N THR A 44 -21.43 -14.23 2.99
CA THR A 44 -21.84 -13.16 2.08
C THR A 44 -23.27 -13.42 1.57
N GLN A 45 -24.11 -12.39 1.58
CA GLN A 45 -25.49 -12.53 1.15
C GLN A 45 -25.91 -11.52 0.06
N GLN A 46 -24.97 -10.70 -0.43
CA GLN A 46 -25.30 -9.81 -1.55
C GLN A 46 -24.09 -9.60 -2.42
N ILE A 47 -24.31 -9.04 -3.60
CA ILE A 47 -23.15 -8.73 -4.44
C ILE A 47 -22.41 -7.56 -3.82
N GLY A 48 -21.07 -7.62 -3.81
CA GLY A 48 -20.24 -6.53 -3.27
C GLY A 48 -19.39 -5.98 -4.42
N ALA A 49 -18.88 -4.78 -4.26
CA ALA A 49 -17.95 -4.26 -5.30
C ALA A 49 -16.92 -3.35 -4.66
N THR A 50 -15.65 -3.55 -5.07
CA THR A 50 -14.55 -2.81 -4.55
C THR A 50 -13.66 -2.40 -5.68
N TYR A 51 -13.29 -1.12 -5.70
CA TYR A 51 -12.42 -0.58 -6.74
C TYR A 51 -10.95 -0.54 -6.25
N PHE A 52 -10.07 -1.10 -7.07
CA PHE A 52 -8.62 -1.11 -6.82
C PHE A 52 -7.87 -0.29 -7.87
N PRO A 53 -7.39 0.90 -7.48
CA PRO A 53 -6.54 1.68 -8.38
C PRO A 53 -5.26 0.95 -8.70
N VAL A 54 -4.73 1.14 -9.91
CA VAL A 54 -3.56 0.35 -10.31
C VAL A 54 -2.35 0.68 -9.39
N GLU A 55 -2.31 1.88 -8.83
CA GLU A 55 -1.21 2.21 -7.91
C GLU A 55 -1.16 1.21 -6.75
N ALA A 56 -2.35 0.85 -6.25
CA ALA A 56 -2.43 -0.17 -5.19
C ALA A 56 -2.01 -1.54 -5.68
N ILE A 57 -2.45 -1.93 -6.88
CA ILE A 57 -2.11 -3.27 -7.35
C ILE A 57 -0.56 -3.40 -7.54
N LYS A 58 0.04 -2.33 -8.03
CA LYS A 58 1.50 -2.30 -8.18
C LYS A 58 2.17 -2.49 -6.85
N GLN A 59 1.69 -1.76 -5.83
CA GLN A 59 2.32 -1.98 -4.51
C GLN A 59 2.13 -3.40 -3.94
N LYS A 60 0.93 -3.93 -4.11
CA LYS A 60 0.66 -5.23 -3.50
C LYS A 60 1.24 -6.38 -4.31
N THR A 61 1.77 -6.10 -5.51
CA THR A 61 2.45 -7.17 -6.27
C THR A 61 3.97 -6.97 -6.32
N ALA A 62 4.45 -5.93 -5.62
CA ALA A 62 5.87 -5.62 -5.65
C ALA A 62 6.78 -6.81 -5.28
N VAL A 63 6.37 -7.62 -4.30
CA VAL A 63 7.23 -8.72 -3.93
C VAL A 63 7.35 -9.80 -5.02
N VAL A 64 6.51 -9.77 -6.05
CA VAL A 64 6.72 -10.72 -7.17
C VAL A 64 6.99 -9.92 -8.44
N ASN A 65 7.47 -8.68 -8.24
CA ASN A 65 7.83 -7.83 -9.35
C ASN A 65 8.98 -6.96 -8.91
N LYS A 66 9.99 -7.54 -8.26
CA LYS A 66 10.96 -6.73 -7.49
C LYS A 66 11.83 -5.79 -8.35
N ASP A 67 12.17 -6.22 -9.57
CA ASP A 67 12.90 -5.37 -10.50
C ASP A 67 11.99 -4.33 -11.23
N GLY A 68 10.71 -4.64 -11.40
CA GLY A 68 9.84 -3.76 -12.16
C GLY A 68 9.64 -4.11 -13.63
N LYS A 69 10.01 -5.31 -14.07
CA LYS A 69 9.84 -5.61 -15.48
C LYS A 69 8.34 -5.69 -15.86
N PHE A 70 7.44 -5.94 -14.90
CA PHE A 70 6.06 -6.16 -15.27
C PHE A 70 5.40 -4.85 -15.68
N GLU A 71 4.79 -4.88 -16.85
CA GLU A 71 4.13 -3.68 -17.37
C GLU A 71 2.66 -3.67 -17.06
N PHE A 72 2.24 -2.66 -16.30
CA PHE A 72 0.85 -2.40 -15.96
C PHE A 72 0.23 -1.45 -16.96
N LYS A 73 -0.89 -1.87 -17.53
CA LYS A 73 -1.53 -1.04 -18.54
C LYS A 73 -2.91 -0.58 -18.07
N VAL A 74 -3.54 -1.34 -17.19
CA VAL A 74 -4.89 -0.95 -16.73
C VAL A 74 -4.81 0.21 -15.72
N PRO A 75 -5.85 1.04 -15.67
CA PRO A 75 -5.90 2.15 -14.72
C PRO A 75 -6.29 1.63 -13.34
N GLY A 76 -6.82 0.42 -13.34
CA GLY A 76 -7.33 -0.19 -12.11
C GLY A 76 -8.27 -1.35 -12.40
N LEU A 77 -8.93 -1.82 -11.35
CA LEU A 77 -9.78 -3.00 -11.50
C LEU A 77 -10.94 -2.95 -10.52
N LEU A 78 -12.14 -3.27 -10.98
CA LEU A 78 -13.30 -3.41 -10.09
C LEU A 78 -13.47 -4.87 -9.80
N ILE A 79 -13.47 -5.24 -8.53
CA ILE A 79 -13.70 -6.63 -8.16
C ILE A 79 -15.06 -6.83 -7.47
N ILE A 80 -15.82 -7.78 -8.02
CA ILE A 80 -17.17 -8.09 -7.55
C ILE A 80 -17.14 -9.36 -6.67
N ASP A 81 -17.56 -9.22 -5.41
CA ASP A 81 -17.59 -10.33 -4.46
C ASP A 81 -18.98 -10.95 -4.58
N THR A 82 -19.07 -12.27 -4.50
CA THR A 82 -20.39 -12.91 -4.57
C THR A 82 -20.58 -13.95 -3.48
N PRO A 83 -21.85 -14.28 -3.12
CA PRO A 83 -22.05 -15.36 -2.15
C PRO A 83 -21.71 -16.70 -2.69
N GLY A 84 -21.25 -17.60 -1.82
CA GLY A 84 -21.08 -18.99 -2.24
C GLY A 84 -22.23 -19.83 -1.69
N HIS A 85 -23.00 -19.33 -0.74
CA HIS A 85 -24.08 -20.14 -0.16
C HIS A 85 -25.04 -20.63 -1.28
N GLU A 86 -25.51 -21.88 -1.17
CA GLU A 86 -26.33 -22.53 -2.22
C GLU A 86 -27.50 -21.63 -2.68
N SER A 87 -28.06 -20.84 -1.77
CA SER A 87 -29.36 -20.23 -2.05
C SER A 87 -29.21 -18.97 -2.90
N PHE A 88 -27.99 -18.57 -3.23
CA PHE A 88 -27.77 -17.29 -3.99
C PHE A 88 -27.30 -17.50 -5.45
N SER A 89 -27.86 -18.51 -6.11
CA SER A 89 -27.38 -18.73 -7.47
C SER A 89 -27.71 -17.52 -8.37
N ASN A 90 -28.85 -16.85 -8.14
CA ASN A 90 -29.21 -15.68 -8.97
C ASN A 90 -28.06 -14.66 -8.90
N LEU A 91 -27.48 -14.48 -7.71
CA LEU A 91 -26.42 -13.48 -7.56
C LEU A 91 -25.14 -13.94 -8.23
N ARG A 92 -24.85 -15.24 -8.19
CA ARG A 92 -23.62 -15.67 -8.87
C ARG A 92 -23.82 -15.46 -10.36
N SER A 93 -25.06 -15.73 -10.82
CA SER A 93 -25.28 -15.62 -12.23
C SER A 93 -25.12 -14.12 -12.59
N ARG A 94 -25.58 -13.22 -11.70
CA ARG A 94 -25.54 -11.80 -12.09
C ARG A 94 -24.09 -11.38 -12.11
N GLY A 95 -23.32 -11.87 -11.13
CA GLY A 95 -21.96 -11.30 -10.99
C GLY A 95 -21.18 -11.79 -12.17
N SER A 96 -21.50 -13.03 -12.53
CA SER A 96 -20.72 -13.67 -13.59
C SER A 96 -21.03 -12.96 -14.90
N SER A 97 -22.29 -12.52 -15.05
CA SER A 97 -22.63 -11.91 -16.33
C SER A 97 -22.00 -10.51 -16.46
N LEU A 98 -21.61 -9.90 -15.33
CA LEU A 98 -21.04 -8.56 -15.37
C LEU A 98 -19.54 -8.55 -15.62
N CYS A 99 -18.89 -9.66 -15.35
CA CYS A 99 -17.44 -9.59 -15.28
C CYS A 99 -16.75 -9.78 -16.63
N ASN A 100 -15.52 -9.31 -16.75
CA ASN A 100 -14.69 -9.57 -17.94
C ASN A 100 -13.74 -10.68 -17.70
N ILE A 101 -13.33 -10.84 -16.45
CA ILE A 101 -12.44 -11.94 -16.01
C ILE A 101 -12.92 -12.43 -14.65
N ALA A 102 -12.28 -13.47 -14.11
CA ALA A 102 -12.75 -13.98 -12.84
C ALA A 102 -11.68 -14.70 -12.04
N ILE A 103 -11.91 -14.80 -10.73
CA ILE A 103 -11.10 -15.62 -9.81
C ILE A 103 -12.05 -16.66 -9.28
N LEU A 104 -11.70 -17.93 -9.45
CA LEU A 104 -12.48 -19.03 -8.89
C LEU A 104 -11.73 -19.51 -7.68
N VAL A 105 -12.33 -19.39 -6.52
CA VAL A 105 -11.64 -19.82 -5.28
C VAL A 105 -11.95 -21.23 -4.96
N VAL A 106 -10.90 -22.03 -4.66
CA VAL A 106 -11.08 -23.47 -4.34
C VAL A 106 -10.30 -23.73 -3.06
N ASP A 107 -10.92 -24.35 -2.05
CA ASP A 107 -10.22 -24.71 -0.82
C ASP A 107 -9.33 -25.88 -1.16
N ILE A 108 -8.02 -25.68 -0.99
CA ILE A 108 -7.10 -26.74 -1.38
C ILE A 108 -7.31 -28.03 -0.57
N MET A 109 -7.89 -27.90 0.61
CA MET A 109 -8.10 -29.07 1.46
C MET A 109 -9.32 -29.83 0.97
N HIS A 110 -10.24 -29.18 0.25
CA HIS A 110 -11.47 -29.89 -0.21
C HIS A 110 -11.61 -30.14 -1.73
N GLY A 111 -10.90 -29.38 -2.56
CA GLY A 111 -10.99 -29.52 -4.01
C GLY A 111 -12.34 -28.99 -4.51
N LEU A 112 -12.83 -29.50 -5.63
CA LEU A 112 -14.03 -28.97 -6.25
C LEU A 112 -15.26 -29.38 -5.47
N GLU A 113 -16.15 -28.44 -5.20
CA GLU A 113 -17.39 -28.75 -4.41
C GLU A 113 -18.59 -28.34 -5.30
N PRO A 114 -19.85 -28.63 -4.86
CA PRO A 114 -21.00 -28.32 -5.72
C PRO A 114 -21.09 -26.88 -6.30
N GLN A 115 -20.90 -25.80 -5.53
CA GLN A 115 -20.99 -24.45 -6.15
C GLN A 115 -19.73 -24.07 -6.94
N THR A 116 -18.65 -24.83 -6.74
CA THR A 116 -17.49 -24.72 -7.64
C THR A 116 -17.96 -25.20 -9.01
N ILE A 117 -18.69 -26.31 -9.03
CA ILE A 117 -19.14 -26.83 -10.30
C ILE A 117 -20.17 -25.91 -10.98
N GLU A 118 -21.12 -25.42 -10.19
CA GLU A 118 -22.05 -24.37 -10.69
C GLU A 118 -21.26 -23.17 -11.32
N SER A 119 -20.27 -22.66 -10.55
CA SER A 119 -19.45 -21.56 -11.01
C SER A 119 -18.72 -21.89 -12.32
N LEU A 120 -18.20 -23.11 -12.43
CA LEU A 120 -17.49 -23.49 -13.63
C LEU A 120 -18.46 -23.47 -14.83
N ARG A 121 -19.69 -23.94 -14.62
N ARG A 121 -19.69 -23.93 -14.61
CA ARG A 121 -20.67 -23.84 -15.71
CA ARG A 121 -20.72 -23.86 -15.67
C ARG A 121 -20.86 -22.38 -16.15
C ARG A 121 -20.89 -22.40 -16.14
N LEU A 122 -20.98 -21.46 -15.19
CA LEU A 122 -21.14 -20.04 -15.57
C LEU A 122 -19.96 -19.49 -16.40
N LEU A 123 -18.74 -19.79 -15.90
CA LEU A 123 -17.52 -19.32 -16.56
C LEU A 123 -17.44 -19.90 -17.97
N ARG A 124 -17.76 -21.18 -18.09
CA ARG A 124 -17.71 -21.85 -19.39
C ARG A 124 -18.75 -21.30 -20.37
N GLU A 125 -19.94 -21.04 -19.84
CA GLU A 125 -20.98 -20.53 -20.70
C GLU A 125 -20.60 -19.19 -21.30
N ARG A 126 -19.99 -18.31 -20.51
N ARG A 126 -19.97 -18.33 -20.51
CA ARG A 126 -19.63 -17.02 -21.08
CA ARG A 126 -19.62 -17.02 -21.03
C ARG A 126 -18.21 -16.98 -21.62
C ARG A 126 -18.21 -16.99 -21.61
N LYS A 127 -17.51 -18.12 -21.54
CA LYS A 127 -16.11 -18.22 -21.98
C LYS A 127 -15.24 -17.18 -21.28
N THR A 128 -15.45 -17.03 -19.99
CA THR A 128 -14.72 -16.04 -19.21
C THR A 128 -13.27 -16.51 -18.87
N PRO A 129 -12.26 -15.67 -19.17
CA PRO A 129 -10.90 -15.99 -18.67
C PRO A 129 -10.88 -15.96 -17.13
N PHE A 130 -10.31 -16.98 -16.51
CA PHE A 130 -10.24 -16.98 -15.06
C PHE A 130 -8.97 -17.66 -14.57
N VAL A 131 -8.65 -17.33 -13.33
CA VAL A 131 -7.58 -17.97 -12.60
C VAL A 131 -8.20 -18.62 -11.37
N VAL A 132 -7.53 -19.63 -10.83
CA VAL A 132 -8.04 -20.31 -9.63
C VAL A 132 -7.15 -19.96 -8.45
N ALA A 133 -7.75 -19.45 -7.39
CA ALA A 133 -7.03 -19.30 -6.13
C ALA A 133 -7.20 -20.58 -5.35
N LEU A 134 -6.10 -21.32 -5.20
CA LEU A 134 -6.11 -22.56 -4.40
C LEU A 134 -5.85 -22.16 -2.98
N ASN A 135 -6.90 -21.83 -2.26
CA ASN A 135 -6.78 -21.12 -0.98
C ASN A 135 -6.69 -22.05 0.27
N LYS A 136 -6.24 -21.47 1.40
CA LYS A 136 -6.04 -22.13 2.70
C LYS A 136 -4.77 -22.96 2.69
N ILE A 137 -3.73 -22.53 1.97
CA ILE A 137 -2.49 -23.36 2.07
C ILE A 137 -1.84 -23.38 3.44
N ASP A 138 -2.18 -22.44 4.31
CA ASP A 138 -1.66 -22.45 5.67
C ASP A 138 -2.20 -23.67 6.47
N ARG A 139 -3.25 -24.34 5.98
CA ARG A 139 -3.78 -25.55 6.65
C ARG A 139 -2.97 -26.80 6.31
N LEU A 140 -1.99 -26.69 5.42
CA LEU A 140 -1.06 -27.81 5.20
C LEU A 140 -0.30 -28.04 6.49
N TYR A 141 -0.22 -29.30 6.89
CA TYR A 141 0.35 -29.60 8.16
C TYR A 141 1.82 -29.19 8.26
N GLY A 142 2.14 -28.29 9.19
CA GLY A 142 3.51 -27.78 9.30
C GLY A 142 3.89 -26.62 8.39
N TRP A 143 2.91 -26.02 7.70
CA TRP A 143 3.19 -24.83 6.91
C TRP A 143 3.89 -23.79 7.79
N LYS A 144 4.96 -23.21 7.25
CA LYS A 144 5.73 -22.12 7.93
C LYS A 144 5.56 -20.84 7.15
N LYS A 145 4.92 -19.83 7.73
CA LYS A 145 4.55 -18.68 6.87
C LYS A 145 5.54 -17.52 6.94
N ILE A 146 5.57 -16.76 5.84
CA ILE A 146 6.09 -15.41 5.83
C ILE A 146 4.95 -14.52 5.35
N GLU A 147 4.47 -13.64 6.21
CA GLU A 147 3.27 -12.87 5.89
C GLU A 147 3.42 -12.12 4.59
N ASN A 148 2.40 -12.25 3.71
CA ASN A 148 2.29 -11.55 2.41
C ASN A 148 3.40 -11.83 1.41
N ASN A 149 4.06 -12.95 1.54
CA ASN A 149 5.12 -13.36 0.60
C ASN A 149 4.58 -13.84 -0.74
N GLY A 150 5.39 -13.83 -1.80
CA GLY A 150 5.07 -14.60 -3.00
C GLY A 150 5.03 -16.09 -2.70
N PHE A 151 4.20 -16.84 -3.43
CA PHE A 151 4.07 -18.27 -3.16
C PHE A 151 5.39 -18.98 -3.37
N ARG A 152 6.12 -18.71 -4.45
CA ARG A 152 7.36 -19.50 -4.65
C ARG A 152 8.43 -19.33 -3.58
N GLU A 153 8.61 -18.08 -3.18
CA GLU A 153 9.61 -17.73 -2.16
C GLU A 153 9.25 -18.51 -0.88
N SER A 154 7.96 -18.47 -0.52
CA SER A 154 7.53 -19.21 0.69
C SER A 154 7.60 -20.70 0.53
N PHE A 155 7.25 -21.20 -0.66
CA PHE A 155 7.20 -22.66 -0.88
C PHE A 155 8.61 -23.23 -0.77
N ALA A 156 9.59 -22.45 -1.22
CA ALA A 156 10.98 -22.93 -1.15
C ALA A 156 11.51 -23.15 0.25
N LEU A 157 10.91 -22.50 1.20
CA LEU A 157 11.35 -22.61 2.56
C LEU A 157 10.60 -23.71 3.33
N GLN A 158 9.68 -24.43 2.69
CA GLN A 158 8.89 -25.41 3.48
C GLN A 158 9.64 -26.73 3.66
N ASN A 159 9.26 -27.53 4.66
CA ASN A 159 9.95 -28.82 4.83
C ASN A 159 9.44 -29.81 3.76
N LYS A 160 10.12 -30.93 3.58
CA LYS A 160 9.79 -31.87 2.49
C LYS A 160 8.37 -32.44 2.62
N ALA A 161 7.94 -32.66 3.84
CA ALA A 161 6.63 -33.20 4.09
C ALA A 161 5.54 -32.24 3.60
N VAL A 162 5.72 -30.97 3.92
CA VAL A 162 4.76 -29.97 3.42
C VAL A 162 4.78 -29.90 1.89
N GLN A 163 5.96 -29.94 1.29
CA GLN A 163 6.04 -29.88 -0.19
C GLN A 163 5.35 -31.06 -0.85
N ASN A 164 5.55 -32.24 -0.28
CA ASN A 164 4.90 -33.43 -0.77
C ASN A 164 3.39 -33.35 -0.58
N GLU A 165 2.90 -32.91 0.59
CA GLU A 165 1.44 -32.82 0.79
C GLU A 165 0.82 -31.84 -0.21
N PHE A 166 1.54 -30.74 -0.43
CA PHE A 166 1.09 -29.75 -1.41
C PHE A 166 0.96 -30.39 -2.80
N ARG A 167 1.99 -31.07 -3.23
CA ARG A 167 1.99 -31.65 -4.58
C ARG A 167 0.89 -32.69 -4.69
N ASN A 168 0.68 -33.47 -3.63
CA ASN A 168 -0.40 -34.46 -3.69
C ASN A 168 -1.77 -33.77 -3.87
N ARG A 169 -2.04 -32.77 -3.04
CA ARG A 169 -3.32 -32.09 -3.18
C ARG A 169 -3.48 -31.36 -4.55
N LEU A 170 -2.41 -30.76 -5.02
CA LEU A 170 -2.46 -30.12 -6.33
C LEU A 170 -2.77 -31.11 -7.44
N ASP A 171 -2.14 -32.28 -7.40
CA ASP A 171 -2.39 -33.29 -8.44
C ASP A 171 -3.86 -33.71 -8.37
N GLN A 172 -4.38 -33.91 -7.15
CA GLN A 172 -5.82 -34.34 -7.07
C GLN A 172 -6.76 -33.26 -7.66
N VAL A 173 -6.48 -32.00 -7.32
CA VAL A 173 -7.33 -30.90 -7.80
C VAL A 173 -7.23 -30.74 -9.32
N LYS A 174 -6.05 -30.92 -9.89
CA LYS A 174 -5.89 -30.97 -11.34
C LYS A 174 -6.69 -32.08 -11.97
N LEU A 175 -6.64 -33.28 -11.40
CA LEU A 175 -7.46 -34.38 -11.98
C LEU A 175 -8.96 -34.00 -11.94
N GLN A 176 -9.36 -33.36 -10.84
CA GLN A 176 -10.76 -32.92 -10.74
C GLN A 176 -11.14 -31.90 -11.81
N PHE A 177 -10.27 -30.92 -12.07
CA PHE A 177 -10.60 -29.94 -13.12
C PHE A 177 -10.67 -30.64 -14.47
N ALA A 178 -9.73 -31.55 -14.67
CA ALA A 178 -9.71 -32.32 -15.93
C ALA A 178 -11.03 -33.05 -16.18
N GLU A 179 -11.56 -33.68 -15.12
CA GLU A 179 -12.85 -34.33 -15.23
C GLU A 179 -13.99 -33.37 -15.58
N GLN A 180 -13.86 -32.10 -15.22
CA GLN A 180 -14.88 -31.13 -15.60
C GLN A 180 -14.62 -30.49 -16.95
N GLY A 181 -13.59 -30.97 -17.66
CA GLY A 181 -13.27 -30.47 -18.99
C GLY A 181 -12.33 -29.26 -19.02
N PHE A 182 -11.57 -28.99 -17.94
CA PHE A 182 -10.60 -27.88 -17.94
C PHE A 182 -9.20 -28.40 -17.67
N ASN A 183 -8.25 -28.06 -18.52
CA ASN A 183 -6.84 -28.35 -18.26
C ASN A 183 -6.25 -27.27 -17.38
N SER A 184 -5.43 -27.64 -16.43
CA SER A 184 -4.95 -26.61 -15.51
C SER A 184 -3.50 -26.90 -15.14
N GLU A 185 -2.79 -25.85 -14.75
CA GLU A 185 -1.40 -25.96 -14.36
C GLU A 185 -1.12 -25.05 -13.17
N LEU A 186 -0.26 -25.48 -12.27
CA LEU A 186 0.35 -24.57 -11.30
C LEU A 186 0.88 -23.34 -12.09
N PHE A 187 0.63 -22.12 -11.59
CA PHE A 187 0.77 -20.92 -12.45
C PHE A 187 2.16 -20.79 -13.05
N TYR A 188 3.18 -21.16 -12.29
CA TYR A 188 4.54 -20.93 -12.87
C TYR A 188 4.99 -22.11 -13.73
N GLU A 189 4.14 -23.13 -13.84
CA GLU A 189 4.39 -24.21 -14.77
C GLU A 189 3.48 -24.12 -15.98
N ASN A 190 2.65 -23.07 -16.06
CA ASN A 190 1.68 -22.97 -17.17
C ASN A 190 2.37 -22.46 -18.40
N LYS A 191 2.56 -23.31 -19.41
CA LYS A 191 3.14 -22.80 -20.65
C LYS A 191 2.09 -22.27 -21.64
N ASN A 192 0.78 -22.36 -21.32
CA ASN A 192 -0.22 -21.87 -22.26
C ASN A 192 -1.28 -21.04 -21.50
N PHE A 193 -0.88 -19.83 -21.17
CA PHE A 193 -1.73 -18.92 -20.40
C PHE A 193 -2.99 -18.60 -21.19
N ALA A 194 -2.94 -18.77 -22.50
CA ALA A 194 -4.10 -18.46 -23.31
C ALA A 194 -5.18 -19.53 -23.19
N ARG A 195 -4.81 -20.77 -22.86
CA ARG A 195 -5.80 -21.86 -22.93
C ARG A 195 -5.88 -22.74 -21.71
N TYR A 196 -4.85 -22.69 -20.87
CA TYR A 196 -4.89 -23.51 -19.66
C TYR A 196 -5.12 -22.62 -18.46
N VAL A 197 -5.95 -23.08 -17.51
CA VAL A 197 -6.21 -22.33 -16.28
C VAL A 197 -5.01 -22.36 -15.34
N SER A 198 -4.60 -21.19 -14.84
CA SER A 198 -3.51 -21.13 -13.86
C SER A 198 -4.03 -21.31 -12.44
N LEU A 199 -3.36 -22.18 -11.67
CA LEU A 199 -3.74 -22.41 -10.28
C LEU A 199 -2.72 -21.64 -9.43
N VAL A 200 -3.21 -20.73 -8.58
N VAL A 200 -3.18 -20.70 -8.62
CA VAL A 200 -2.35 -19.96 -7.69
CA VAL A 200 -2.28 -19.95 -7.74
C VAL A 200 -2.64 -20.29 -6.24
C VAL A 200 -2.61 -20.23 -6.27
N PRO A 201 -1.68 -20.90 -5.54
CA PRO A 201 -1.94 -21.26 -4.15
C PRO A 201 -1.92 -20.02 -3.31
N THR A 202 -2.89 -19.87 -2.43
CA THR A 202 -3.01 -18.67 -1.60
C THR A 202 -3.34 -18.97 -0.17
N SER A 203 -3.08 -18.00 0.69
CA SER A 203 -3.67 -18.02 2.01
C SER A 203 -4.23 -16.68 2.29
N ALA A 204 -5.55 -16.59 2.51
CA ALA A 204 -6.13 -15.29 2.97
C ALA A 204 -5.70 -14.95 4.38
N HIS A 205 -5.33 -15.96 5.17
CA HIS A 205 -4.89 -15.65 6.55
C HIS A 205 -3.46 -15.11 6.59
N THR A 206 -2.54 -15.74 5.88
CA THR A 206 -1.12 -15.23 5.92
C THR A 206 -0.82 -14.24 4.82
N GLY A 207 -1.66 -14.22 3.77
CA GLY A 207 -1.46 -13.29 2.64
C GLY A 207 -0.55 -13.94 1.56
N GLU A 208 0.01 -15.10 1.86
CA GLU A 208 0.98 -15.69 0.90
C GLU A 208 0.24 -16.05 -0.40
N GLY A 209 0.91 -15.82 -1.53
CA GLY A 209 0.33 -16.08 -2.86
C GLY A 209 -0.61 -15.03 -3.35
N ILE A 210 -1.09 -14.15 -2.48
CA ILE A 210 -1.98 -13.10 -2.95
C ILE A 210 -1.26 -12.15 -3.92
N PRO A 211 0.05 -11.84 -3.68
CA PRO A 211 0.72 -11.05 -4.71
C PRO A 211 0.73 -11.72 -6.12
N ASP A 212 0.95 -13.03 -6.14
CA ASP A 212 0.92 -13.81 -7.38
C ASP A 212 -0.47 -13.75 -8.03
N MET A 213 -1.50 -13.91 -7.20
CA MET A 213 -2.89 -13.86 -7.72
C MET A 213 -3.18 -12.48 -8.33
N LEU A 214 -2.81 -11.39 -7.64
CA LEU A 214 -3.06 -10.06 -8.23
C LEU A 214 -2.32 -9.85 -9.55
N LYS A 215 -1.05 -10.30 -9.58
CA LYS A 215 -0.35 -10.17 -10.84
C LYS A 215 -1.10 -10.95 -11.96
N LEU A 216 -1.49 -12.17 -11.66
CA LEU A 216 -2.17 -13.01 -12.66
C LEU A 216 -3.50 -12.40 -13.14
N ILE A 217 -4.32 -11.83 -12.25
CA ILE A 217 -5.53 -11.24 -12.81
C ILE A 217 -5.22 -9.98 -13.69
N VAL A 218 -4.18 -9.20 -13.33
CA VAL A 218 -3.78 -8.14 -14.31
C VAL A 218 -3.37 -8.76 -15.64
N GLN A 219 -2.57 -9.83 -15.58
CA GLN A 219 -2.22 -10.50 -16.83
C GLN A 219 -3.44 -10.99 -17.58
N LEU A 220 -4.46 -11.46 -16.90
CA LEU A 220 -5.63 -11.91 -17.61
C LEU A 220 -6.28 -10.74 -18.35
N CYS A 221 -6.42 -9.63 -17.65
CA CYS A 221 -6.97 -8.42 -18.30
C CYS A 221 -6.16 -8.06 -19.54
N GLN A 222 -4.83 -8.15 -19.43
CA GLN A 222 -3.95 -7.59 -20.48
C GLN A 222 -3.62 -8.56 -21.60
N GLU A 223 -3.78 -9.85 -21.35
CA GLU A 223 -3.35 -10.86 -22.32
C GLU A 223 -4.48 -11.82 -22.77
N ARG A 224 -5.63 -11.83 -22.07
CA ARG A 224 -6.77 -12.69 -22.43
C ARG A 224 -8.08 -11.94 -22.70
N MET A 225 -8.41 -10.96 -21.87
CA MET A 225 -9.62 -10.19 -22.11
C MET A 225 -9.49 -9.51 -23.48
N ALA A 226 -10.61 -9.38 -24.20
CA ALA A 226 -10.59 -8.67 -25.48
C ALA A 226 -9.98 -7.29 -25.33
N SER A 227 -9.10 -6.94 -26.26
CA SER A 227 -8.35 -5.71 -26.10
C SER A 227 -9.29 -4.49 -26.19
N SER A 228 -10.40 -4.57 -26.92
CA SER A 228 -11.30 -3.42 -26.94
C SER A 228 -11.82 -3.07 -25.52
N LEU A 229 -11.83 -4.04 -24.62
CA LEU A 229 -12.37 -3.78 -23.31
C LEU A 229 -11.37 -3.05 -22.41
N MET A 230 -10.20 -2.73 -22.97
CA MET A 230 -9.19 -1.96 -22.24
C MET A 230 -9.49 -0.45 -22.32
N TYR A 231 -10.42 -0.07 -23.18
CA TYR A 231 -10.74 1.33 -23.37
C TYR A 231 -12.25 1.56 -23.30
N LEU A 232 -12.63 2.80 -23.01
CA LEU A 232 -14.04 3.09 -22.78
C LEU A 232 -14.81 3.18 -24.07
N SER A 233 -16.01 2.61 -24.07
CA SER A 233 -16.89 2.83 -25.21
C SER A 233 -18.28 3.24 -24.70
N GLU A 234 -19.33 2.73 -25.34
CA GLU A 234 -20.68 3.20 -25.04
C GLU A 234 -21.11 2.91 -23.61
N LEU A 235 -21.87 3.82 -22.99
CA LEU A 235 -22.27 3.59 -21.60
C LEU A 235 -23.02 2.27 -21.46
N GLN A 236 -22.67 1.53 -20.42
CA GLN A 236 -23.41 0.33 -20.06
C GLN A 236 -23.41 0.23 -18.56
N ALA A 237 -24.59 -0.01 -17.99
CA ALA A 237 -24.72 0.00 -16.53
C ALA A 237 -25.90 -0.84 -16.08
N THR A 238 -25.73 -1.45 -14.91
CA THR A 238 -26.72 -2.39 -14.36
C THR A 238 -27.11 -1.98 -12.93
N VAL A 239 -28.40 -1.93 -12.65
CA VAL A 239 -28.88 -1.68 -11.29
C VAL A 239 -28.74 -2.97 -10.49
N LEU A 240 -28.02 -2.87 -9.38
CA LEU A 240 -27.79 -3.96 -8.41
C LEU A 240 -28.81 -3.97 -7.31
N GLU A 241 -29.10 -2.77 -6.80
CA GLU A 241 -29.97 -2.71 -5.62
C GLU A 241 -30.66 -1.38 -5.48
N VAL A 242 -31.85 -1.40 -4.90
CA VAL A 242 -32.62 -0.18 -4.63
C VAL A 242 -32.71 -0.09 -3.11
N LYS A 243 -32.18 0.99 -2.53
CA LYS A 243 -32.10 1.12 -1.07
C LYS A 243 -32.36 2.52 -0.61
N ALA A 244 -33.21 2.68 0.40
CA ALA A 244 -33.40 3.97 1.05
C ALA A 244 -32.18 4.28 1.93
N ILE A 245 -31.58 5.46 1.78
CA ILE A 245 -30.39 5.81 2.57
C ILE A 245 -30.67 7.07 3.39
N GLU A 246 -30.26 7.07 4.67
CA GLU A 246 -30.47 8.22 5.55
C GLU A 246 -29.84 9.52 4.97
N GLY A 247 -30.69 10.53 4.76
CA GLY A 247 -30.26 11.82 4.23
C GLY A 247 -30.23 11.91 2.72
N PHE A 248 -30.49 10.80 2.01
CA PHE A 248 -30.59 10.83 0.55
C PHE A 248 -31.87 10.19 0.01
N GLY A 249 -32.66 9.54 0.86
CA GLY A 249 -33.86 8.85 0.43
C GLY A 249 -33.61 7.57 -0.37
N VAL A 250 -34.41 7.32 -1.39
CA VAL A 250 -34.31 6.10 -2.20
C VAL A 250 -33.22 6.23 -3.25
N THR A 251 -32.19 5.38 -3.14
CA THR A 251 -31.05 5.40 -4.07
C THR A 251 -30.93 4.10 -4.85
N ILE A 252 -30.15 4.13 -5.93
CA ILE A 252 -29.76 2.83 -6.52
C ILE A 252 -28.25 2.62 -6.51
N ASP A 253 -27.86 1.39 -6.20
CA ASP A 253 -26.49 0.94 -6.38
C ASP A 253 -26.47 0.30 -7.76
N VAL A 254 -25.41 0.66 -8.49
CA VAL A 254 -25.26 0.48 -9.91
C VAL A 254 -23.83 0.03 -10.24
N ILE A 255 -23.70 -1.00 -11.08
CA ILE A 255 -22.38 -1.34 -11.66
C ILE A 255 -22.30 -0.63 -13.01
N LEU A 256 -21.37 0.30 -13.07
CA LEU A 256 -21.07 1.00 -14.29
C LEU A 256 -20.08 0.11 -15.02
N SER A 257 -20.55 -0.55 -16.09
CA SER A 257 -19.73 -1.53 -16.83
C SER A 257 -18.90 -0.88 -17.94
N ASN A 258 -19.45 0.17 -18.56
CA ASN A 258 -18.70 0.84 -19.62
C ASN A 258 -19.17 2.27 -19.76
N GLY A 259 -18.40 3.11 -20.44
CA GLY A 259 -18.74 4.51 -20.60
C GLY A 259 -18.51 5.34 -19.33
N ILE A 260 -19.18 6.49 -19.24
CA ILE A 260 -18.94 7.47 -18.17
C ILE A 260 -20.26 8.01 -17.58
N LEU A 261 -20.39 8.12 -16.26
CA LEU A 261 -21.58 8.76 -15.66
C LEU A 261 -21.23 10.17 -15.15
N ARG A 262 -22.15 11.13 -15.26
CA ARG A 262 -21.90 12.49 -14.76
C ARG A 262 -22.94 13.01 -13.78
N GLU A 263 -22.50 13.74 -12.75
CA GLU A 263 -23.46 14.38 -11.84
C GLU A 263 -24.44 15.20 -12.68
N GLY A 264 -25.71 15.14 -12.35
CA GLY A 264 -26.69 15.89 -13.11
C GLY A 264 -27.24 15.25 -14.37
N ASP A 265 -26.63 14.13 -14.76
CA ASP A 265 -27.12 13.33 -15.88
C ASP A 265 -28.58 12.99 -15.72
N ARG A 266 -29.29 12.96 -16.85
CA ARG A 266 -30.67 12.52 -16.89
C ARG A 266 -30.62 11.06 -17.41
N ILE A 267 -31.17 10.14 -16.63
CA ILE A 267 -31.06 8.70 -16.87
C ILE A 267 -32.43 8.00 -17.04
N VAL A 268 -32.44 6.91 -17.82
CA VAL A 268 -33.63 6.05 -17.99
C VAL A 268 -33.35 4.59 -17.53
N LEU A 269 -34.33 4.00 -16.84
CA LEU A 269 -34.20 2.60 -16.37
C LEU A 269 -35.56 1.99 -16.15
N CYS A 270 -35.61 0.68 -15.98
CA CYS A 270 -36.92 0.04 -15.76
C CYS A 270 -37.50 0.26 -14.37
N GLY A 271 -38.81 0.51 -14.30
CA GLY A 271 -39.47 0.62 -13.01
C GLY A 271 -40.70 -0.27 -12.98
N LEU A 272 -41.27 -0.47 -11.81
CA LEU A 272 -42.40 -1.35 -11.63
C LEU A 272 -43.62 -1.03 -12.45
N GLU A 273 -43.82 0.27 -12.64
CA GLU A 273 -44.99 0.81 -13.29
C GLU A 273 -44.65 1.35 -14.69
N GLY A 274 -43.38 1.21 -15.07
CA GLY A 274 -42.88 1.59 -16.38
C GLY A 274 -41.48 2.19 -16.27
N PRO A 275 -40.94 2.73 -17.38
CA PRO A 275 -39.63 3.38 -17.33
C PRO A 275 -39.62 4.54 -16.36
N ILE A 276 -38.47 4.74 -15.75
CA ILE A 276 -38.19 5.83 -14.83
C ILE A 276 -37.22 6.73 -15.58
N LYS A 277 -37.49 8.04 -15.59
CA LYS A 277 -36.58 9.04 -16.14
C LYS A 277 -36.30 10.07 -15.07
N THR A 278 -35.04 10.32 -14.73
CA THR A 278 -34.76 11.28 -13.65
C THR A 278 -33.35 11.89 -13.74
N ASN A 279 -32.95 12.70 -12.74
CA ASN A 279 -31.61 13.35 -12.69
C ASN A 279 -30.77 12.97 -11.50
N ILE A 280 -29.49 12.70 -11.77
CA ILE A 280 -28.56 12.38 -10.72
C ILE A 280 -28.29 13.60 -9.85
N ARG A 281 -28.79 13.56 -8.62
CA ARG A 281 -28.51 14.64 -7.69
C ARG A 281 -27.16 14.43 -7.01
N ALA A 282 -26.82 13.17 -6.75
CA ALA A 282 -25.52 12.88 -6.20
C ALA A 282 -24.99 11.59 -6.80
N LEU A 283 -23.75 11.67 -7.25
CA LEU A 283 -23.07 10.52 -7.83
C LEU A 283 -21.94 10.10 -6.87
N LEU A 284 -22.12 8.94 -6.23
CA LEU A 284 -21.31 8.58 -5.08
C LEU A 284 -20.57 7.26 -5.24
N THR A 285 -19.38 7.19 -4.65
CA THR A 285 -18.64 5.91 -4.52
C THR A 285 -18.13 5.77 -3.10
N PRO A 286 -17.78 4.54 -2.70
CA PRO A 286 -16.98 4.42 -1.47
C PRO A 286 -15.58 4.96 -1.71
N ALA A 287 -14.77 5.08 -0.65
CA ALA A 287 -13.34 5.33 -0.81
C ALA A 287 -12.74 4.19 -1.61
N PRO A 288 -11.62 4.43 -2.32
CA PRO A 288 -11.01 3.29 -3.03
C PRO A 288 -10.66 2.17 -2.05
N MET A 289 -10.75 0.95 -2.53
CA MET A 289 -10.50 -0.26 -1.76
C MET A 289 -11.39 -0.41 -0.56
N ARG A 290 -12.61 0.15 -0.65
CA ARG A 290 -13.66 -0.05 0.36
C ARG A 290 -14.93 -0.57 -0.34
N GLU A 291 -15.70 -1.42 0.33
CA GLU A 291 -16.85 -2.09 -0.29
C GLU A 291 -18.02 -1.21 -0.58
N LEU A 292 -18.64 -1.39 -1.76
CA LEU A 292 -19.90 -0.74 -2.02
C LEU A 292 -20.98 -1.33 -1.10
N ARG A 293 -20.88 -2.60 -0.68
CA ARG A 293 -22.00 -3.16 0.11
C ARG A 293 -21.89 -2.72 1.60
N ILE A 294 -20.95 -1.82 1.91
CA ILE A 294 -20.74 -1.34 3.29
C ILE A 294 -21.01 0.17 3.44
N LYS A 295 -21.77 0.52 4.49
CA LYS A 295 -22.05 1.91 4.83
C LYS A 295 -20.78 2.69 5.17
N GLY A 296 -20.63 3.89 4.62
CA GLY A 296 -19.52 4.75 5.00
C GLY A 296 -19.83 6.19 4.62
N GLN A 297 -18.86 7.09 4.77
CA GLN A 297 -19.07 8.38 4.18
C GLN A 297 -18.75 8.04 2.74
N TYR A 298 -19.44 8.68 1.82
CA TYR A 298 -19.33 8.36 0.41
C TYR A 298 -18.63 9.53 -0.21
N ILE A 299 -17.91 9.26 -1.30
CA ILE A 299 -17.31 10.35 -2.05
C ILE A 299 -18.25 10.80 -3.16
N HIS A 300 -18.53 12.11 -3.17
CA HIS A 300 -19.34 12.78 -4.19
C HIS A 300 -18.46 13.00 -5.42
N HIS A 301 -18.97 12.70 -6.61
CA HIS A 301 -18.16 12.94 -7.80
C HIS A 301 -18.94 13.72 -8.79
N LYS A 302 -18.25 14.55 -9.57
CA LYS A 302 -18.89 15.16 -10.72
C LYS A 302 -18.93 14.17 -11.87
N GLU A 303 -17.93 13.28 -11.91
CA GLU A 303 -17.82 12.29 -12.98
C GLU A 303 -17.22 10.98 -12.46
N VAL A 304 -17.73 9.86 -12.97
CA VAL A 304 -17.17 8.52 -12.67
C VAL A 304 -17.00 7.72 -13.94
N LYS A 305 -15.80 7.18 -14.15
CA LYS A 305 -15.47 6.43 -15.35
C LYS A 305 -15.46 4.92 -15.07
N ALA A 306 -15.81 4.12 -16.08
CA ALA A 306 -16.05 2.68 -15.93
C ALA A 306 -14.75 1.86 -15.83
N ALA A 307 -14.79 0.68 -15.20
CA ALA A 307 -15.90 0.17 -14.43
C ALA A 307 -15.78 0.62 -12.98
N GLN A 308 -16.92 0.83 -12.36
CA GLN A 308 -16.96 1.24 -10.96
C GLN A 308 -18.31 0.86 -10.40
N GLY A 309 -18.39 0.67 -9.08
CA GLY A 309 -19.68 0.49 -8.45
C GLY A 309 -20.06 1.85 -7.86
N VAL A 310 -21.24 2.36 -8.20
CA VAL A 310 -21.66 3.67 -7.75
C VAL A 310 -23.01 3.60 -7.09
N LYS A 311 -23.31 4.63 -6.29
CA LYS A 311 -24.62 4.87 -5.75
C LYS A 311 -25.13 6.18 -6.35
N ILE A 312 -26.35 6.14 -6.85
CA ILE A 312 -27.00 7.30 -7.45
C ILE A 312 -28.21 7.71 -6.62
N SER A 313 -28.26 8.99 -6.28
CA SER A 313 -29.39 9.66 -5.64
C SER A 313 -30.10 10.45 -6.74
N ALA A 314 -31.41 10.28 -6.81
CA ALA A 314 -32.26 10.84 -7.85
C ALA A 314 -33.70 10.73 -7.38
N PRO A 315 -34.54 11.73 -7.72
CA PRO A 315 -35.94 11.55 -7.35
C PRO A 315 -36.58 10.44 -8.18
N GLY A 316 -37.63 9.81 -7.67
CA GLY A 316 -38.44 8.92 -8.50
C GLY A 316 -37.88 7.51 -8.65
N LEU A 317 -37.04 7.08 -7.72
CA LEU A 317 -36.35 5.80 -7.85
C LEU A 317 -37.13 4.69 -7.21
N GLU A 318 -38.21 5.05 -6.52
CA GLU A 318 -39.08 4.02 -5.97
C GLU A 318 -39.50 3.19 -7.16
N GLY A 319 -39.56 1.88 -7.01
CA GLY A 319 -40.04 1.07 -8.10
C GLY A 319 -38.97 0.74 -9.11
N ALA A 320 -37.76 1.26 -8.91
CA ALA A 320 -36.64 0.85 -9.75
C ALA A 320 -36.50 -0.66 -9.60
N ILE A 321 -36.05 -1.34 -10.65
CA ILE A 321 -36.02 -2.81 -10.63
C ILE A 321 -34.60 -3.30 -10.63
N ALA A 322 -34.19 -4.04 -9.59
CA ALA A 322 -32.81 -4.53 -9.57
C ALA A 322 -32.51 -5.47 -10.74
N GLY A 323 -31.36 -5.32 -11.39
CA GLY A 323 -31.10 -6.12 -12.57
C GLY A 323 -31.38 -5.31 -13.83
N SER A 324 -32.09 -4.19 -13.70
CA SER A 324 -32.37 -3.35 -14.88
C SER A 324 -31.10 -2.75 -15.53
N ARG A 325 -31.06 -2.68 -16.85
CA ARG A 325 -30.03 -1.89 -17.54
C ARG A 325 -30.38 -0.42 -17.30
N LEU A 326 -29.38 0.44 -17.47
CA LEU A 326 -29.53 1.88 -17.26
C LEU A 326 -28.91 2.61 -18.41
N LEU A 327 -29.57 3.66 -18.89
CA LEU A 327 -29.04 4.48 -19.97
C LEU A 327 -29.07 6.01 -19.71
N VAL A 328 -28.24 6.72 -20.46
CA VAL A 328 -28.12 8.17 -20.30
C VAL A 328 -28.68 8.88 -21.51
N VAL A 329 -29.54 9.87 -21.29
CA VAL A 329 -30.03 10.67 -22.42
C VAL A 329 -28.98 11.80 -22.69
N GLY A 330 -28.35 11.69 -23.86
CA GLY A 330 -27.30 12.59 -24.27
C GLY A 330 -27.86 13.75 -25.07
N PRO A 331 -26.97 14.67 -25.51
CA PRO A 331 -27.34 15.86 -26.28
C PRO A 331 -28.12 15.51 -27.55
N ASP A 332 -27.90 14.32 -28.10
CA ASP A 332 -28.54 13.92 -29.35
C ASP A 332 -29.70 12.92 -29.29
N ASP A 333 -30.01 12.40 -28.11
CA ASP A 333 -30.85 11.19 -27.96
C ASP A 333 -32.35 11.20 -28.19
N ASP A 334 -32.85 10.07 -28.71
CA ASP A 334 -34.28 9.78 -28.71
C ASP A 334 -34.64 8.76 -27.60
N GLU A 335 -35.46 9.20 -26.66
CA GLU A 335 -35.72 8.52 -25.39
C GLU A 335 -36.54 7.21 -25.39
N GLU A 336 -37.66 7.24 -26.10
CA GLU A 336 -38.60 6.13 -26.07
C GLU A 336 -37.96 4.85 -26.63
N GLU A 337 -37.10 5.04 -27.63
CA GLU A 337 -36.29 3.95 -28.17
C GLU A 337 -35.52 3.27 -27.03
N LEU A 338 -34.86 4.10 -26.23
CA LEU A 338 -34.08 3.61 -25.10
C LEU A 338 -34.98 2.85 -24.12
N GLU A 339 -36.15 3.42 -23.85
CA GLU A 339 -37.10 2.78 -22.92
C GLU A 339 -37.43 1.39 -23.42
N GLU A 340 -37.70 1.28 -24.72
CA GLU A 340 -38.03 0.00 -25.33
C GLU A 340 -36.87 -0.97 -25.21
N GLU A 341 -35.64 -0.54 -25.46
CA GLU A 341 -34.58 -1.53 -25.40
C GLU A 341 -34.24 -1.97 -23.96
N VAL A 342 -34.29 -1.07 -22.96
CA VAL A 342 -34.14 -1.57 -21.56
C VAL A 342 -35.29 -2.48 -21.15
N GLU A 343 -36.51 -2.15 -21.60
CA GLU A 343 -37.66 -2.99 -21.26
C GLU A 343 -37.54 -4.35 -21.94
N SER A 344 -36.96 -4.38 -23.13
CA SER A 344 -36.79 -5.63 -23.88
C SER A 344 -35.71 -6.47 -23.20
N ASP A 345 -34.63 -5.84 -22.76
CA ASP A 345 -33.53 -6.58 -22.11
C ASP A 345 -33.91 -7.08 -20.72
N LEU A 346 -34.84 -6.39 -20.04
CA LEU A 346 -35.29 -6.84 -18.72
C LEU A 346 -36.00 -8.18 -18.84
N GLN A 347 -36.69 -8.33 -19.97
CA GLN A 347 -37.40 -9.56 -20.32
C GLN A 347 -36.77 -10.21 -21.56
N HIS B 2 11.70 31.09 23.40
CA HIS B 2 11.25 29.87 22.75
C HIS B 2 12.45 29.06 22.28
N MET B 3 13.56 29.75 22.00
CA MET B 3 14.77 29.09 21.47
C MET B 3 15.83 28.93 22.56
N ASN B 4 15.58 27.94 23.44
CA ASN B 4 16.38 27.66 24.64
C ASN B 4 16.38 26.16 25.00
N LYS B 5 17.26 25.79 25.92
CA LYS B 5 17.52 24.40 26.29
C LYS B 5 16.29 23.58 26.77
N ASP B 6 15.26 24.24 27.27
CA ASP B 6 14.12 23.51 27.82
C ASP B 6 12.99 23.22 26.79
N ASN B 7 13.16 23.74 25.58
CA ASN B 7 12.18 23.56 24.51
C ASN B 7 12.70 22.88 23.24
N LEU B 8 13.74 22.06 23.36
CA LEU B 8 14.36 21.45 22.20
C LEU B 8 13.46 20.46 21.48
N ARG B 9 13.63 20.40 20.16
CA ARG B 9 12.90 19.49 19.31
C ARG B 9 13.86 18.44 18.74
N SER B 10 13.42 17.17 18.68
CA SER B 10 14.17 16.14 17.95
C SER B 10 13.80 16.19 16.50
N PRO B 11 14.79 16.46 15.61
CA PRO B 11 14.45 16.59 14.18
C PRO B 11 14.15 15.24 13.51
N ILE B 12 13.65 15.31 12.28
CA ILE B 12 13.37 14.11 11.51
C ILE B 12 14.32 13.98 10.33
N CYS B 13 14.92 12.80 10.21
CA CYS B 13 15.75 12.43 9.06
C CYS B 13 15.05 11.30 8.24
N CYS B 14 14.89 11.51 6.94
CA CYS B 14 14.32 10.45 6.10
C CYS B 14 15.45 9.68 5.36
N ILE B 15 15.35 8.37 5.22
N ILE B 15 15.32 8.36 5.26
CA ILE B 15 16.39 7.70 4.41
CA ILE B 15 16.24 7.60 4.41
C ILE B 15 15.73 7.17 3.11
C ILE B 15 15.53 7.46 3.06
N LEU B 16 16.29 7.60 1.98
CA LEU B 16 15.77 7.39 0.62
C LEU B 16 16.79 6.69 -0.22
N GLY B 17 16.37 5.98 -1.26
CA GLY B 17 17.31 5.41 -2.19
C GLY B 17 16.67 4.35 -3.08
N HIS B 18 17.40 3.94 -4.11
CA HIS B 18 16.87 2.92 -5.03
C HIS B 18 16.61 1.58 -4.32
N VAL B 19 15.83 0.70 -4.94
CA VAL B 19 15.50 -0.55 -4.25
C VAL B 19 16.76 -1.34 -3.91
N ASP B 20 16.78 -1.91 -2.69
CA ASP B 20 17.82 -2.82 -2.22
C ASP B 20 19.24 -2.23 -2.10
N THR B 21 19.33 -0.93 -2.00
CA THR B 21 20.61 -0.28 -1.82
C THR B 21 21.15 -0.42 -0.38
N GLY B 22 20.27 -0.80 0.56
CA GLY B 22 20.65 -1.09 1.97
C GLY B 22 20.13 -0.10 3.03
N LYS B 23 19.08 0.64 2.70
CA LYS B 23 18.48 1.57 3.67
C LYS B 23 18.13 0.88 5.00
N THR B 24 17.36 -0.21 4.85
CA THR B 24 16.85 -0.89 6.02
C THR B 24 18.01 -1.61 6.72
N LYS B 25 18.88 -2.25 5.94
CA LYS B 25 20.02 -2.92 6.54
C LYS B 25 20.90 -1.95 7.35
N LEU B 26 21.09 -0.71 6.86
CA LEU B 26 21.86 0.34 7.61
C LEU B 26 21.21 0.65 8.96
N LEU B 27 19.90 0.88 8.90
CA LEU B 27 19.18 1.06 10.17
C LEU B 27 19.25 -0.14 11.13
N ASP B 28 19.16 -1.35 10.58
CA ASP B 28 19.28 -2.56 11.41
C ASP B 28 20.63 -2.58 12.09
N LYS B 29 21.67 -2.13 11.38
CA LYS B 29 23.00 -2.17 11.97
C LYS B 29 23.07 -1.18 13.12
N ILE B 30 22.44 -0.03 12.93
CA ILE B 30 22.45 0.96 13.99
C ILE B 30 21.64 0.53 15.22
N ARG B 31 20.45 -0.01 14.98
CA ARG B 31 19.54 -0.46 16.03
C ARG B 31 20.05 -1.72 16.70
N GLN B 32 20.81 -2.51 15.94
CA GLN B 32 21.09 -3.93 16.27
C GLN B 32 19.81 -4.76 16.23
N THR B 33 19.12 -4.69 15.10
CA THR B 33 17.89 -5.47 14.90
C THR B 33 17.97 -6.22 13.57
N ASN B 34 16.92 -6.96 13.25
CA ASN B 34 16.94 -7.80 12.05
C ASN B 34 15.61 -7.58 11.28
N VAL B 35 15.18 -6.32 11.15
CA VAL B 35 13.92 -6.04 10.48
C VAL B 35 13.95 -6.53 9.03
N GLN B 36 15.06 -6.27 8.34
CA GLN B 36 15.15 -6.56 6.90
C GLN B 36 14.87 -8.06 6.62
N GLU B 37 15.35 -8.92 7.54
CA GLU B 37 15.19 -10.36 7.38
C GLU B 37 13.76 -10.84 7.49
N GLY B 38 12.91 -10.09 8.17
CA GLY B 38 11.52 -10.48 8.35
C GLY B 38 10.62 -9.95 7.21
N GLU B 39 11.15 -9.08 6.33
CA GLU B 39 10.30 -8.48 5.31
C GLU B 39 9.99 -9.45 4.22
N ALA B 40 8.72 -9.54 3.84
CA ALA B 40 8.33 -10.29 2.67
C ALA B 40 9.14 -9.81 1.45
N GLY B 41 9.77 -10.72 0.71
CA GLY B 41 10.47 -10.33 -0.50
C GLY B 41 11.76 -9.58 -0.21
N GLY B 42 12.06 -9.40 1.08
CA GLY B 42 13.22 -8.57 1.41
C GLY B 42 13.02 -7.13 0.97
N ILE B 43 11.77 -6.66 0.83
CA ILE B 43 11.60 -5.27 0.45
C ILE B 43 10.70 -4.57 1.45
N THR B 44 11.01 -3.31 1.71
CA THR B 44 10.17 -2.48 2.56
C THR B 44 8.95 -2.03 1.76
N GLN B 45 7.79 -2.10 2.41
CA GLN B 45 6.54 -1.72 1.75
C GLN B 45 5.76 -0.70 2.55
N GLN B 46 6.33 -0.19 3.65
CA GLN B 46 5.64 0.87 4.37
C GLN B 46 6.67 1.78 4.96
N ILE B 47 6.21 2.97 5.38
CA ILE B 47 7.08 3.94 6.04
C ILE B 47 7.36 3.48 7.45
N GLY B 48 8.62 3.53 7.88
CA GLY B 48 8.97 3.05 9.22
C GLY B 48 9.50 4.24 9.99
N ALA B 49 9.60 4.11 11.30
CA ALA B 49 10.17 5.21 12.09
C ALA B 49 10.87 4.65 13.32
N THR B 50 12.07 5.14 13.54
CA THR B 50 12.88 4.68 14.69
C THR B 50 13.45 5.90 15.41
N TYR B 51 13.24 5.96 16.73
CA TYR B 51 13.77 7.09 17.49
C TYR B 51 15.15 6.79 18.13
N PHE B 52 16.10 7.70 17.94
CA PHE B 52 17.46 7.61 18.56
C PHE B 52 17.71 8.74 19.55
N PRO B 53 17.70 8.44 20.87
CA PRO B 53 18.01 9.43 21.89
C PRO B 53 19.44 9.92 21.68
N VAL B 54 19.72 11.17 22.03
CA VAL B 54 21.07 11.66 21.73
C VAL B 54 22.17 10.85 22.51
N GLU B 55 21.85 10.29 23.66
CA GLU B 55 22.92 9.55 24.38
C GLU B 55 23.41 8.39 23.53
N ALA B 56 22.48 7.70 22.87
CA ALA B 56 22.88 6.60 21.96
C ALA B 56 23.69 7.09 20.78
N ILE B 57 23.29 8.20 20.21
CA ILE B 57 24.02 8.73 19.05
C ILE B 57 25.45 9.13 19.48
N LYS B 58 25.59 9.72 20.67
CA LYS B 58 26.91 10.07 21.16
C LYS B 58 27.77 8.79 21.25
N GLN B 59 27.13 7.73 21.80
CA GLN B 59 27.94 6.50 21.96
C GLN B 59 28.28 5.89 20.63
N LYS B 60 27.36 5.92 19.69
CA LYS B 60 27.61 5.28 18.40
C LYS B 60 28.50 6.10 17.50
N THR B 61 28.80 7.37 17.89
CA THR B 61 29.75 8.16 17.09
C THR B 61 31.09 8.34 17.79
N ALA B 62 31.23 7.71 18.97
CA ALA B 62 32.48 7.89 19.72
C ALA B 62 33.75 7.59 18.92
N VAL B 63 33.72 6.58 18.07
CA VAL B 63 34.95 6.23 17.34
C VAL B 63 35.37 7.27 16.28
N VAL B 64 34.49 8.22 15.98
CA VAL B 64 34.90 9.34 15.15
C VAL B 64 34.75 10.66 15.91
N ASN B 65 34.81 10.58 17.24
CA ASN B 65 34.71 11.74 18.13
C ASN B 65 35.64 11.49 19.32
N LYS B 66 36.86 11.07 19.02
CA LYS B 66 37.74 10.64 20.10
C LYS B 66 38.19 11.83 20.93
N ASP B 67 38.37 13.01 20.33
CA ASP B 67 38.76 14.15 21.15
C ASP B 67 37.55 14.59 22.04
N GLY B 68 36.34 14.24 21.64
CA GLY B 68 35.18 14.49 22.49
C GLY B 68 34.70 15.91 22.30
N LYS B 69 35.30 16.56 21.30
CA LYS B 69 35.07 17.95 20.99
C LYS B 69 33.76 18.20 20.28
N PHE B 70 33.14 17.16 19.71
CA PHE B 70 31.94 17.43 18.94
C PHE B 70 30.80 17.80 19.87
N GLU B 71 30.13 18.91 19.62
CA GLU B 71 29.07 19.26 20.55
C GLU B 71 27.67 18.76 20.07
N PHE B 72 27.04 17.91 20.86
CA PHE B 72 25.67 17.45 20.53
C PHE B 72 24.61 18.37 21.14
N LYS B 73 23.74 18.89 20.29
CA LYS B 73 22.82 19.91 20.75
C LYS B 73 21.39 19.40 20.67
N VAL B 74 21.14 18.47 19.77
CA VAL B 74 19.77 17.90 19.65
C VAL B 74 19.49 16.89 20.78
N PRO B 75 18.22 16.72 21.11
CA PRO B 75 17.92 15.73 22.17
C PRO B 75 17.86 14.30 21.64
N GLY B 76 17.81 14.17 20.32
CA GLY B 76 17.65 12.91 19.62
C GLY B 76 17.25 13.16 18.18
N LEU B 77 16.95 12.08 17.47
CA LEU B 77 16.68 12.13 16.05
C LEU B 77 15.67 11.06 15.71
N LEU B 78 14.63 11.42 14.97
CA LEU B 78 13.68 10.44 14.49
C LEU B 78 14.07 10.10 13.04
N ILE B 79 14.29 8.82 12.73
CA ILE B 79 14.67 8.44 11.37
C ILE B 79 13.58 7.60 10.72
N ILE B 80 13.14 8.06 9.56
CA ILE B 80 12.03 7.46 8.78
C ILE B 80 12.63 6.57 7.67
N ASP B 81 12.26 5.29 7.64
CA ASP B 81 12.69 4.35 6.57
C ASP B 81 11.63 4.41 5.45
N THR B 82 12.03 4.36 4.18
CA THR B 82 11.03 4.35 3.11
C THR B 82 11.32 3.26 2.14
N PRO B 83 10.31 2.83 1.38
CA PRO B 83 10.57 1.81 0.35
C PRO B 83 11.39 2.37 -0.79
N GLY B 84 12.23 1.56 -1.44
CA GLY B 84 12.87 2.00 -2.66
C GLY B 84 12.18 1.41 -3.91
N HIS B 85 11.37 0.36 -3.75
CA HIS B 85 10.71 -0.25 -4.89
C HIS B 85 9.93 0.77 -5.67
N GLU B 86 9.97 0.65 -7.01
CA GLU B 86 9.45 1.63 -7.94
C GLU B 86 8.00 2.02 -7.65
N SER B 87 7.16 1.09 -7.20
CA SER B 87 5.74 1.40 -7.12
C SER B 87 5.34 2.25 -5.87
N PHE B 88 6.30 2.58 -5.03
CA PHE B 88 6.03 3.27 -3.79
C PHE B 88 6.46 4.77 -3.81
N SER B 89 6.27 5.42 -4.96
CA SER B 89 6.70 6.83 -5.02
C SER B 89 5.87 7.69 -4.03
N ASN B 90 4.57 7.37 -3.84
CA ASN B 90 3.72 8.11 -2.93
C ASN B 90 4.35 8.07 -1.53
N LEU B 91 4.90 6.90 -1.12
CA LEU B 91 5.47 6.82 0.23
C LEU B 91 6.80 7.57 0.29
N ARG B 92 7.56 7.55 -0.82
CA ARG B 92 8.81 8.32 -0.74
C ARG B 92 8.42 9.82 -0.63
N SER B 93 7.37 10.21 -1.38
CA SER B 93 7.01 11.62 -1.38
C SER B 93 6.56 11.99 0.05
N ARG B 94 5.86 11.06 0.70
CA ARG B 94 5.33 11.38 2.04
C ARG B 94 6.53 11.50 3.03
N GLY B 95 7.52 10.58 2.90
CA GLY B 95 8.61 10.53 3.87
C GLY B 95 9.38 11.81 3.67
N SER B 96 9.50 12.20 2.40
CA SER B 96 10.32 13.37 2.11
C SER B 96 9.63 14.64 2.66
N SER B 97 8.29 14.65 2.62
CA SER B 97 7.59 15.87 3.06
C SER B 97 7.67 15.96 4.59
N LEU B 98 7.92 14.82 5.25
CA LEU B 98 7.96 14.85 6.71
C LEU B 98 9.33 15.25 7.22
N CYS B 99 10.36 15.05 6.42
CA CYS B 99 11.69 15.12 7.02
C CYS B 99 12.26 16.53 7.03
N ASN B 100 13.24 16.73 7.90
CA ASN B 100 13.97 17.98 7.92
C ASN B 100 15.34 17.88 7.22
N ILE B 101 15.90 16.70 7.32
CA ILE B 101 17.16 16.41 6.65
C ILE B 101 17.03 15.00 6.10
N ALA B 102 18.01 14.54 5.34
CA ALA B 102 17.83 13.21 4.75
C ALA B 102 19.18 12.53 4.48
N ILE B 103 19.14 11.21 4.34
CA ILE B 103 20.30 10.43 3.90
C ILE B 103 19.85 9.81 2.61
N LEU B 104 20.60 10.01 1.52
CA LEU B 104 20.31 9.32 0.26
C LEU B 104 21.27 8.15 0.16
N VAL B 105 20.73 6.95 0.08
CA VAL B 105 21.61 5.77 -0.02
C VAL B 105 21.87 5.43 -1.47
N VAL B 106 23.15 5.22 -1.80
CA VAL B 106 23.54 4.87 -3.16
C VAL B 106 24.41 3.64 -3.04
N ASP B 107 24.14 2.61 -3.81
CA ASP B 107 25.01 1.42 -3.82
C ASP B 107 26.30 1.78 -4.56
N ILE B 108 27.44 1.69 -3.90
CA ILE B 108 28.68 2.18 -4.55
C ILE B 108 29.03 1.39 -5.84
N MET B 109 28.53 0.15 -5.93
CA MET B 109 28.85 -0.72 -7.10
C MET B 109 27.98 -0.40 -8.30
N HIS B 110 26.83 0.23 -8.05
CA HIS B 110 25.89 0.52 -9.15
C HIS B 110 25.76 1.99 -9.48
N GLY B 111 26.13 2.88 -8.56
CA GLY B 111 25.97 4.31 -8.82
C GLY B 111 24.52 4.76 -8.78
N LEU B 112 24.21 5.90 -9.43
CA LEU B 112 22.84 6.45 -9.38
C LEU B 112 21.89 5.60 -10.20
N GLU B 113 20.73 5.30 -9.63
CA GLU B 113 19.73 4.46 -10.27
C GLU B 113 18.39 5.22 -10.39
N PRO B 114 17.39 4.68 -11.13
CA PRO B 114 16.18 5.53 -11.32
C PRO B 114 15.52 6.08 -10.04
N GLN B 115 15.36 5.28 -8.98
CA GLN B 115 14.74 5.86 -7.77
C GLN B 115 15.71 6.76 -6.99
N THR B 116 17.01 6.63 -7.30
CA THR B 116 17.96 7.63 -6.77
C THR B 116 17.64 8.99 -7.37
N ILE B 117 17.38 9.01 -8.67
CA ILE B 117 17.11 10.26 -9.34
C ILE B 117 15.75 10.83 -8.87
N GLU B 118 14.75 9.97 -8.77
CA GLU B 118 13.46 10.40 -8.19
C GLU B 118 13.64 11.06 -6.82
N SER B 119 14.43 10.40 -5.96
CA SER B 119 14.71 10.89 -4.63
C SER B 119 15.44 12.25 -4.63
N LEU B 120 16.46 12.37 -5.48
CA LEU B 120 17.17 13.64 -5.64
C LEU B 120 16.23 14.74 -6.04
N ARG B 121 15.31 14.42 -6.95
CA ARG B 121 14.28 15.41 -7.33
C ARG B 121 13.43 15.85 -6.13
N LEU B 122 13.02 14.93 -5.27
CA LEU B 122 12.27 15.33 -4.11
C LEU B 122 13.11 16.24 -3.21
N LEU B 123 14.37 15.87 -3.02
CA LEU B 123 15.26 16.63 -2.16
C LEU B 123 15.54 18.02 -2.69
N ARG B 124 15.79 18.12 -3.99
CA ARG B 124 16.07 19.39 -4.60
C ARG B 124 14.88 20.31 -4.49
N GLU B 125 13.71 19.75 -4.77
CA GLU B 125 12.49 20.52 -4.82
C GLU B 125 12.16 21.09 -3.47
N ARG B 126 12.41 20.37 -2.38
N ARG B 126 12.36 20.35 -2.38
CA ARG B 126 12.12 20.91 -1.05
CA ARG B 126 12.13 20.89 -1.04
C ARG B 126 13.32 21.58 -0.37
C ARG B 126 13.33 21.56 -0.36
N LYS B 127 14.46 21.66 -1.08
CA LYS B 127 15.68 22.21 -0.51
C LYS B 127 16.05 21.52 0.80
N THR B 128 15.91 20.20 0.85
CA THR B 128 16.24 19.44 2.04
C THR B 128 17.74 19.19 2.12
N PRO B 129 18.40 19.57 3.25
CA PRO B 129 19.81 19.19 3.45
C PRO B 129 20.00 17.68 3.49
N PHE B 130 21.01 17.16 2.78
CA PHE B 130 21.19 15.69 2.82
C PHE B 130 22.64 15.33 2.66
N VAL B 131 22.98 14.14 3.15
CA VAL B 131 24.24 13.50 2.90
C VAL B 131 23.98 12.20 2.11
N VAL B 132 25.02 11.69 1.44
CA VAL B 132 24.88 10.46 0.64
C VAL B 132 25.62 9.34 1.35
N ALA B 133 24.93 8.23 1.60
CA ALA B 133 25.64 7.04 2.11
C ALA B 133 26.03 6.23 0.84
N LEU B 134 27.32 6.13 0.54
CA LEU B 134 27.83 5.28 -0.56
C LEU B 134 27.98 3.91 0.01
N ASN B 135 26.92 3.11 -0.07
CA ASN B 135 26.90 1.87 0.72
C ASN B 135 27.45 0.66 -0.04
N LYS B 136 27.74 -0.41 0.74
CA LYS B 136 28.24 -1.72 0.31
C LYS B 136 29.72 -1.67 -0.01
N ILE B 137 30.48 -0.87 0.74
CA ILE B 137 31.94 -0.82 0.43
C ILE B 137 32.65 -2.16 0.68
N ASP B 138 32.02 -3.01 1.48
CA ASP B 138 32.58 -4.36 1.71
C ASP B 138 32.59 -5.14 0.43
N ARG B 139 31.89 -4.67 -0.60
CA ARG B 139 31.95 -5.39 -1.90
C ARG B 139 33.19 -5.03 -2.75
N LEU B 140 33.99 -4.05 -2.32
CA LEU B 140 35.29 -3.83 -2.99
C LEU B 140 36.14 -5.09 -2.85
N TYR B 141 36.78 -5.47 -3.95
CA TYR B 141 37.45 -6.76 -4.01
C TYR B 141 38.66 -6.81 -3.08
N GLY B 142 38.61 -7.67 -2.05
CA GLY B 142 39.66 -7.76 -1.04
C GLY B 142 39.51 -6.79 0.12
N TRP B 143 38.35 -6.17 0.28
CA TRP B 143 38.10 -5.30 1.45
C TRP B 143 38.43 -6.03 2.77
N LYS B 144 39.16 -5.38 3.68
CA LYS B 144 39.47 -5.94 5.03
C LYS B 144 38.76 -5.18 6.11
N LYS B 145 37.87 -5.83 6.84
CA LYS B 145 36.96 -5.07 7.71
C LYS B 145 37.39 -5.09 9.14
N ILE B 146 36.99 -4.04 9.86
CA ILE B 146 36.93 -3.99 11.33
C ILE B 146 35.52 -3.55 11.68
N GLU B 147 34.77 -4.41 12.37
CA GLU B 147 33.34 -4.13 12.58
C GLU B 147 33.10 -2.75 13.24
N ASN B 148 32.19 -1.97 12.65
CA ASN B 148 31.75 -0.68 13.18
C ASN B 148 32.84 0.38 13.28
N ASN B 149 33.90 0.25 12.48
CA ASN B 149 34.96 1.22 12.45
C ASN B 149 34.54 2.53 11.76
N GLY B 150 35.22 3.64 12.08
CA GLY B 150 35.13 4.82 11.24
C GLY B 150 35.67 4.56 9.82
N PHE B 151 35.15 5.26 8.83
CA PHE B 151 35.60 4.97 7.48
C PHE B 151 37.07 5.24 7.29
N ARG B 152 37.57 6.38 7.77
CA ARG B 152 38.98 6.71 7.45
C ARG B 152 39.95 5.71 8.05
N GLU B 153 39.69 5.35 9.30
CA GLU B 153 40.55 4.36 9.96
C GLU B 153 40.57 3.02 9.16
N SER B 154 39.41 2.53 8.70
CA SER B 154 39.41 1.25 7.92
C SER B 154 40.05 1.41 6.56
N PHE B 155 39.81 2.56 5.94
CA PHE B 155 40.34 2.80 4.61
C PHE B 155 41.86 2.79 4.65
N ALA B 156 42.44 3.29 5.74
CA ALA B 156 43.90 3.35 5.82
C ALA B 156 44.55 1.96 5.85
N LEU B 157 43.77 0.95 6.23
CA LEU B 157 44.27 -0.42 6.33
C LEU B 157 44.10 -1.24 5.03
N GLN B 158 43.54 -0.64 3.99
CA GLN B 158 43.21 -1.39 2.76
C GLN B 158 44.42 -1.48 1.83
N ASN B 159 44.44 -2.51 0.98
CA ASN B 159 45.56 -2.60 0.03
C ASN B 159 45.36 -1.67 -1.16
N LYS B 160 46.40 -1.59 -2.00
CA LYS B 160 46.42 -0.66 -3.12
C LYS B 160 45.26 -0.90 -4.11
N ALA B 161 44.96 -2.16 -4.37
CA ALA B 161 43.89 -2.49 -5.32
C ALA B 161 42.55 -1.95 -4.86
N VAL B 162 42.24 -2.14 -3.59
CA VAL B 162 41.01 -1.63 -3.00
C VAL B 162 40.94 -0.13 -3.01
N GLN B 163 42.04 0.53 -2.63
CA GLN B 163 42.06 2.00 -2.69
C GLN B 163 41.85 2.51 -4.17
N ASN B 164 42.46 1.86 -5.16
CA ASN B 164 42.21 2.22 -6.56
C ASN B 164 40.78 1.97 -7.01
N GLU B 165 40.21 0.81 -6.63
CA GLU B 165 38.83 0.52 -6.99
C GLU B 165 37.85 1.55 -6.38
N PHE B 166 38.09 1.85 -5.11
CA PHE B 166 37.29 2.83 -4.41
C PHE B 166 37.38 4.18 -5.14
N ARG B 167 38.58 4.63 -5.44
CA ARG B 167 38.72 5.92 -6.05
C ARG B 167 38.02 5.96 -7.41
N ASN B 168 38.14 4.88 -8.20
N ASN B 168 38.13 4.88 -8.19
CA ASN B 168 37.50 4.84 -9.52
CA ASN B 168 37.48 4.84 -9.51
C ASN B 168 35.95 4.93 -9.40
C ASN B 168 35.94 4.94 -9.40
N ARG B 169 35.38 4.10 -8.53
CA ARG B 169 33.94 4.07 -8.32
C ARG B 169 33.44 5.40 -7.76
N LEU B 170 34.20 5.98 -6.85
CA LEU B 170 33.87 7.30 -6.30
C LEU B 170 33.87 8.35 -7.41
N ASP B 171 34.86 8.32 -8.30
CA ASP B 171 34.91 9.31 -9.39
C ASP B 171 33.68 9.20 -10.31
N GLN B 172 33.34 7.95 -10.61
CA GLN B 172 32.16 7.72 -11.45
C GLN B 172 30.91 8.28 -10.77
N VAL B 173 30.76 8.02 -9.47
CA VAL B 173 29.55 8.48 -8.79
C VAL B 173 29.51 10.01 -8.73
N LYS B 174 30.67 10.64 -8.50
CA LYS B 174 30.75 12.10 -8.56
C LYS B 174 30.30 12.66 -9.89
N LEU B 175 30.74 12.02 -10.97
CA LEU B 175 30.36 12.52 -12.29
C LEU B 175 28.85 12.39 -12.44
N GLN B 176 28.29 11.29 -11.91
CA GLN B 176 26.83 11.12 -12.04
C GLN B 176 26.10 12.20 -11.27
N PHE B 177 26.56 12.55 -10.07
CA PHE B 177 25.90 13.66 -9.34
C PHE B 177 26.06 15.00 -10.04
N ALA B 178 27.25 15.24 -10.59
CA ALA B 178 27.46 16.44 -11.36
C ALA B 178 26.52 16.56 -12.55
N GLU B 179 26.28 15.48 -13.26
CA GLU B 179 25.33 15.53 -14.36
C GLU B 179 23.94 15.86 -13.88
N GLN B 180 23.64 15.49 -12.63
CA GLN B 180 22.30 15.86 -12.12
C GLN B 180 22.33 17.28 -11.51
N GLY B 181 23.48 17.95 -11.59
CA GLY B 181 23.59 19.30 -11.06
C GLY B 181 24.00 19.39 -9.58
N PHE B 182 24.65 18.36 -9.04
CA PHE B 182 25.12 18.44 -7.65
C PHE B 182 26.62 18.29 -7.61
N ASN B 183 27.27 19.24 -6.94
CA ASN B 183 28.69 19.12 -6.59
C ASN B 183 28.74 18.18 -5.37
N SER B 184 29.71 17.28 -5.34
CA SER B 184 29.80 16.31 -4.23
C SER B 184 31.28 16.05 -3.92
N GLU B 185 31.55 15.73 -2.64
CA GLU B 185 32.92 15.43 -2.22
C GLU B 185 32.84 14.38 -1.14
N LEU B 186 33.86 13.55 -1.11
CA LEU B 186 34.07 12.68 0.01
C LEU B 186 34.02 13.53 1.32
N PHE B 187 33.36 13.04 2.36
CA PHE B 187 33.00 13.90 3.48
C PHE B 187 34.17 14.57 4.17
N TYR B 188 35.32 13.91 4.27
CA TYR B 188 36.47 14.56 4.92
C TYR B 188 37.27 15.44 3.94
N GLU B 189 36.82 15.49 2.68
CA GLU B 189 37.40 16.39 1.69
C GLU B 189 36.50 17.55 1.35
N ASN B 190 35.36 17.65 2.01
CA ASN B 190 34.43 18.72 1.71
C ASN B 190 34.78 20.03 2.43
N LYS B 191 35.25 21.02 1.67
CA LYS B 191 35.57 22.31 2.29
C LYS B 191 34.31 23.16 2.40
N ASN B 192 33.24 22.70 1.79
CA ASN B 192 32.03 23.47 1.89
C ASN B 192 30.82 22.60 1.95
N PHE B 193 30.54 22.22 3.18
CA PHE B 193 29.42 21.39 3.53
C PHE B 193 28.10 22.05 3.11
N ALA B 194 28.17 23.34 2.84
CA ALA B 194 27.03 24.16 2.39
C ALA B 194 26.71 24.07 0.90
N ARG B 195 27.71 23.76 0.08
CA ARG B 195 27.57 23.86 -1.37
C ARG B 195 27.89 22.56 -2.08
N TYR B 196 28.56 21.67 -1.37
CA TYR B 196 28.86 20.35 -1.91
C TYR B 196 28.12 19.36 -1.07
N VAL B 197 27.62 18.32 -1.69
CA VAL B 197 27.01 17.20 -0.97
C VAL B 197 28.12 16.31 -0.42
N SER B 198 28.05 15.98 0.87
CA SER B 198 29.06 15.08 1.44
C SER B 198 28.71 13.63 1.16
N LEU B 199 29.70 12.89 0.74
CA LEU B 199 29.56 11.48 0.42
C LEU B 199 30.23 10.69 1.54
N VAL B 200 29.48 9.80 2.18
CA VAL B 200 30.06 8.98 3.28
C VAL B 200 30.03 7.51 2.90
N PRO B 201 31.18 6.87 2.72
CA PRO B 201 31.16 5.45 2.39
C PRO B 201 30.79 4.60 3.61
N THR B 202 29.87 3.64 3.40
CA THR B 202 29.39 2.79 4.46
C THR B 202 29.32 1.34 4.04
N SER B 203 29.27 0.49 5.06
CA SER B 203 28.82 -0.88 4.87
C SER B 203 27.79 -1.24 5.92
N ALA B 204 26.56 -1.56 5.52
CA ALA B 204 25.59 -2.03 6.49
C ALA B 204 25.93 -3.38 7.02
N HIS B 205 26.74 -4.13 6.27
CA HIS B 205 27.06 -5.50 6.74
C HIS B 205 28.14 -5.46 7.83
N THR B 206 29.18 -4.66 7.65
CA THR B 206 30.23 -4.57 8.66
C THR B 206 30.08 -3.41 9.66
N GLY B 207 29.23 -2.44 9.33
CA GLY B 207 29.06 -1.28 10.18
C GLY B 207 30.06 -0.13 9.87
N GLU B 208 31.06 -0.36 8.99
CA GLU B 208 32.09 0.64 8.78
C GLU B 208 31.49 1.89 8.11
N GLY B 209 31.97 3.05 8.54
CA GLY B 209 31.42 4.30 8.02
C GLY B 209 30.08 4.74 8.61
N ILE B 210 29.34 3.86 9.29
CA ILE B 210 28.10 4.32 9.92
C ILE B 210 28.33 5.36 11.07
N PRO B 211 29.42 5.24 11.87
CA PRO B 211 29.68 6.33 12.82
C PRO B 211 29.83 7.73 12.15
N ASP B 212 30.55 7.78 11.03
CA ASP B 212 30.71 8.98 10.22
C ASP B 212 29.36 9.49 9.73
N MET B 213 28.53 8.57 9.25
CA MET B 213 27.20 8.95 8.75
C MET B 213 26.32 9.56 9.84
N LEU B 214 26.28 8.92 11.02
CA LEU B 214 25.55 9.45 12.18
C LEU B 214 26.07 10.83 12.60
N LYS B 215 27.40 10.98 12.61
CA LYS B 215 27.91 12.29 12.98
C LYS B 215 27.49 13.35 11.96
N LEU B 216 27.55 13.01 10.67
CA LEU B 216 27.16 13.94 9.62
C LEU B 216 25.69 14.36 9.71
N ILE B 217 24.80 13.40 9.97
CA ILE B 217 23.42 13.83 10.05
C ILE B 217 23.14 14.71 11.25
N VAL B 218 23.84 14.45 12.35
CA VAL B 218 23.71 15.40 13.46
C VAL B 218 24.21 16.81 13.04
N GLN B 219 25.33 16.85 12.36
CA GLN B 219 25.83 18.14 11.86
C GLN B 219 24.82 18.84 10.97
N LEU B 220 24.12 18.06 10.12
CA LEU B 220 23.12 18.64 9.21
C LEU B 220 22.02 19.25 10.00
N CYS B 221 21.52 18.52 10.99
CA CYS B 221 20.49 19.07 11.91
C CYS B 221 20.92 20.37 12.54
N GLN B 222 22.17 20.41 12.98
CA GLN B 222 22.56 21.53 13.85
C GLN B 222 23.05 22.74 13.08
N GLU B 223 23.43 22.54 11.83
CA GLU B 223 24.11 23.59 11.06
C GLU B 223 23.48 23.93 9.72
N ARG B 224 22.57 23.08 9.21
CA ARG B 224 22.04 23.32 7.84
C ARG B 224 20.54 23.52 7.90
N MET B 225 19.91 22.68 8.71
CA MET B 225 18.50 22.78 8.95
C MET B 225 18.19 24.12 9.58
N ALA B 226 17.05 24.72 9.23
CA ALA B 226 16.63 25.99 9.81
C ALA B 226 16.69 25.91 11.33
N SER B 227 17.31 26.91 11.94
CA SER B 227 17.53 26.83 13.38
C SER B 227 16.17 26.75 14.12
N SER B 228 15.08 27.33 13.58
CA SER B 228 13.79 27.29 14.31
C SER B 228 13.29 25.85 14.52
N LEU B 229 13.73 24.93 13.67
CA LEU B 229 13.28 23.55 13.80
C LEU B 229 14.03 22.81 14.91
N MET B 230 15.01 23.46 15.54
CA MET B 230 15.66 22.83 16.68
C MET B 230 14.85 22.96 17.99
N TYR B 231 13.76 23.73 17.96
CA TYR B 231 12.90 23.94 19.12
C TYR B 231 11.42 23.68 18.78
N LEU B 232 10.60 23.37 19.80
CA LEU B 232 9.21 22.97 19.56
C LEU B 232 8.30 24.14 19.29
N SER B 233 7.39 24.01 18.32
CA SER B 233 6.33 25.00 18.14
C SER B 233 4.95 24.31 17.99
N GLU B 234 4.06 24.82 17.13
CA GLU B 234 2.68 24.28 17.08
C GLU B 234 2.65 22.82 16.69
N LEU B 235 1.72 22.10 17.26
CA LEU B 235 1.59 20.68 17.02
C LEU B 235 1.40 20.43 15.55
N GLN B 236 2.11 19.42 15.08
CA GLN B 236 1.89 18.90 13.74
C GLN B 236 2.08 17.38 13.75
N ALA B 237 1.11 16.68 13.13
CA ALA B 237 1.14 15.22 13.22
C ALA B 237 0.41 14.57 12.06
N THR B 238 0.93 13.42 11.64
CA THR B 238 0.42 12.71 10.46
C THR B 238 0.16 11.24 10.79
N VAL B 239 -0.98 10.77 10.37
CA VAL B 239 -1.36 9.39 10.53
C VAL B 239 -0.61 8.55 9.51
N LEU B 240 0.13 7.54 9.94
CA LEU B 240 0.85 6.68 9.02
C LEU B 240 0.02 5.47 8.69
N GLU B 241 -0.57 4.87 9.73
CA GLU B 241 -1.18 3.56 9.49
C GLU B 241 -2.22 3.18 10.53
N VAL B 242 -3.18 2.35 10.14
CA VAL B 242 -4.16 1.84 11.10
C VAL B 242 -3.98 0.36 11.33
N LYS B 243 -3.83 -0.10 12.58
CA LYS B 243 -3.58 -1.53 12.86
C LYS B 243 -4.26 -2.02 14.14
N ALA B 244 -4.92 -3.16 14.06
CA ALA B 244 -5.42 -3.80 15.27
C ALA B 244 -4.26 -4.45 16.05
N ILE B 245 -4.15 -4.09 17.33
CA ILE B 245 -3.11 -4.59 18.24
C ILE B 245 -3.78 -5.30 19.42
N GLU B 246 -3.28 -6.49 19.75
CA GLU B 246 -3.83 -7.23 20.87
C GLU B 246 -3.81 -6.43 22.18
N GLY B 247 -4.99 -6.24 22.78
CA GLY B 247 -5.03 -5.57 24.07
C GLY B 247 -5.09 -4.06 23.98
N PHE B 248 -5.04 -3.53 22.75
CA PHE B 248 -5.16 -2.08 22.51
C PHE B 248 -6.22 -1.76 21.46
N GLY B 249 -6.82 -2.82 20.91
CA GLY B 249 -7.83 -2.68 19.89
C GLY B 249 -7.26 -2.15 18.59
N VAL B 250 -8.06 -1.35 17.87
CA VAL B 250 -7.61 -0.76 16.62
C VAL B 250 -6.88 0.55 16.92
N THR B 251 -5.57 0.60 16.61
CA THR B 251 -4.72 1.74 16.96
C THR B 251 -4.31 2.46 15.71
N ILE B 252 -3.77 3.66 15.87
CA ILE B 252 -3.11 4.30 14.72
C ILE B 252 -1.65 4.59 15.04
N ASP B 253 -0.80 4.41 14.04
CA ASP B 253 0.59 4.84 14.05
C ASP B 253 0.67 6.23 13.44
N VAL B 254 1.44 7.07 14.12
CA VAL B 254 1.45 8.51 13.87
C VAL B 254 2.87 9.10 13.95
N ILE B 255 3.24 9.96 13.00
CA ILE B 255 4.49 10.70 13.14
C ILE B 255 4.13 12.02 13.78
N LEU B 256 4.62 12.23 14.99
CA LEU B 256 4.48 13.53 15.63
C LEU B 256 5.61 14.38 15.11
N SER B 257 5.29 15.37 14.25
CA SER B 257 6.32 16.24 13.63
C SER B 257 6.76 17.43 14.45
N ASN B 258 5.81 17.97 15.23
CA ASN B 258 6.12 19.12 16.05
C ASN B 258 5.16 19.22 17.23
N GLY B 259 5.52 19.99 18.25
CA GLY B 259 4.65 20.14 19.41
C GLY B 259 4.71 18.94 20.35
N ILE B 260 3.64 18.78 21.14
CA ILE B 260 3.64 17.75 22.15
C ILE B 260 2.31 17.04 22.17
N LEU B 261 2.29 15.69 22.17
CA LEU B 261 1.03 14.93 22.34
C LEU B 261 0.93 14.47 23.79
N ARG B 262 -0.30 14.45 24.34
CA ARG B 262 -0.51 14.05 25.73
C ARG B 262 -1.57 12.95 25.83
N GLU B 263 -1.32 11.96 26.68
CA GLU B 263 -2.37 11.00 26.98
C GLU B 263 -3.61 11.78 27.41
N GLY B 264 -4.76 11.38 26.89
CA GLY B 264 -6.02 12.03 27.24
C GLY B 264 -6.41 13.20 26.31
N ASP B 265 -5.51 13.59 25.42
CA ASP B 265 -5.84 14.62 24.43
C ASP B 265 -7.09 14.24 23.60
N ARG B 266 -7.84 15.27 23.25
CA ARG B 266 -8.95 15.11 22.36
C ARG B 266 -8.40 15.39 20.96
N ILE B 267 -8.52 14.42 20.06
CA ILE B 267 -7.89 14.51 18.76
C ILE B 267 -8.95 14.36 17.65
N VAL B 268 -8.70 15.03 16.54
N VAL B 268 -8.69 15.02 16.53
CA VAL B 268 -9.58 14.88 15.37
CA VAL B 268 -9.55 14.89 15.36
C VAL B 268 -8.74 14.49 14.16
C VAL B 268 -8.72 14.46 14.16
N LEU B 269 -9.31 13.62 13.34
CA LEU B 269 -8.65 13.17 12.13
C LEU B 269 -9.67 12.73 11.12
N CYS B 270 -9.25 12.59 9.89
CA CYS B 270 -10.17 12.13 8.84
C CYS B 270 -10.47 10.64 8.97
N GLY B 271 -11.74 10.25 8.82
CA GLY B 271 -12.10 8.84 8.83
C GLY B 271 -13.05 8.44 7.72
N LEU B 272 -13.21 7.13 7.51
CA LEU B 272 -14.07 6.53 6.47
C LEU B 272 -15.56 6.85 6.63
N GLU B 273 -16.01 6.97 7.87
CA GLU B 273 -17.42 7.26 8.08
C GLU B 273 -17.64 8.75 8.28
N GLY B 274 -16.53 9.50 8.34
CA GLY B 274 -16.58 10.94 8.49
C GLY B 274 -15.44 11.31 9.42
N PRO B 275 -15.42 12.57 9.92
CA PRO B 275 -14.37 12.95 10.87
C PRO B 275 -14.42 12.06 12.11
N ILE B 276 -13.25 11.79 12.67
CA ILE B 276 -13.17 11.00 13.87
C ILE B 276 -12.75 11.96 14.94
N LYS B 277 -13.51 11.99 16.03
CA LYS B 277 -13.14 12.77 17.18
C LYS B 277 -13.07 11.82 18.35
N THR B 278 -11.92 11.78 19.02
CA THR B 278 -11.83 10.79 20.07
C THR B 278 -10.79 11.25 21.07
N ASN B 279 -10.55 10.44 22.11
CA ASN B 279 -9.62 10.81 23.16
C ASN B 279 -8.51 9.76 23.28
N ILE B 280 -7.26 10.18 23.43
CA ILE B 280 -6.17 9.23 23.56
C ILE B 280 -6.23 8.45 24.88
N ARG B 281 -6.53 7.16 24.82
CA ARG B 281 -6.56 6.33 26.05
C ARG B 281 -5.15 5.82 26.34
N ALA B 282 -4.38 5.53 25.31
CA ALA B 282 -2.99 5.21 25.57
C ALA B 282 -2.08 5.82 24.52
N LEU B 283 -1.03 6.48 24.99
CA LEU B 283 -0.06 7.11 24.14
C LEU B 283 1.23 6.27 24.22
N LEU B 284 1.60 5.60 23.13
CA LEU B 284 2.64 4.55 23.20
C LEU B 284 3.81 4.85 22.30
N THR B 285 5.02 4.43 22.67
CA THR B 285 6.09 4.43 21.62
C THR B 285 6.67 3.01 21.71
N PRO B 286 7.38 2.58 20.65
CA PRO B 286 8.21 1.39 20.84
C PRO B 286 9.34 1.68 21.82
N ALA B 287 10.13 0.67 22.19
CA ALA B 287 11.36 0.97 22.91
C ALA B 287 12.24 1.85 22.04
N PRO B 288 13.13 2.68 22.67
CA PRO B 288 14.04 3.43 21.82
C PRO B 288 14.82 2.45 20.95
N MET B 289 15.13 2.98 19.77
CA MET B 289 15.84 2.28 18.73
C MET B 289 15.15 1.00 18.26
N ARG B 290 13.81 1.02 18.26
CA ARG B 290 13.03 -0.06 17.71
C ARG B 290 11.99 0.49 16.74
N GLU B 291 11.71 -0.24 15.67
CA GLU B 291 10.83 0.27 14.59
C GLU B 291 9.39 0.45 15.06
N LEU B 292 8.77 1.56 14.71
CA LEU B 292 7.32 1.73 14.91
C LEU B 292 6.53 0.72 14.03
N ARG B 293 7.05 0.36 12.88
CA ARG B 293 6.26 -0.44 11.93
C ARG B 293 6.24 -1.94 12.19
N ILE B 294 6.94 -2.39 13.23
CA ILE B 294 7.02 -3.85 13.53
C ILE B 294 6.32 -4.06 14.83
N LYS B 295 5.43 -5.05 14.90
CA LYS B 295 4.75 -5.29 16.20
C LYS B 295 5.75 -5.66 17.31
N GLY B 296 5.63 -5.01 18.45
CA GLY B 296 6.53 -5.28 19.55
C GLY B 296 5.95 -4.82 20.87
N GLN B 297 6.81 -4.67 21.87
CA GLN B 297 6.44 -4.10 23.17
C GLN B 297 6.39 -2.58 23.15
N TYR B 298 5.54 -2.01 23.99
CA TYR B 298 5.32 -0.58 24.01
C TYR B 298 5.63 0.09 25.36
N ILE B 299 6.12 1.33 25.32
CA ILE B 299 6.22 2.17 26.51
C ILE B 299 4.98 3.12 26.50
N HIS B 300 4.29 3.19 27.64
CA HIS B 300 3.21 4.14 27.88
C HIS B 300 3.76 5.49 28.32
N HIS B 301 3.22 6.57 27.79
CA HIS B 301 3.64 7.93 28.14
C HIS B 301 2.46 8.80 28.55
N LYS B 302 2.70 9.76 29.42
CA LYS B 302 1.73 10.84 29.66
C LYS B 302 1.85 11.94 28.60
N GLU B 303 3.09 12.12 28.12
CA GLU B 303 3.38 13.11 27.10
C GLU B 303 4.55 12.66 26.23
N VAL B 304 4.50 13.04 24.96
CA VAL B 304 5.59 12.82 24.04
C VAL B 304 5.92 14.07 23.29
N LYS B 305 7.20 14.46 23.32
CA LYS B 305 7.59 15.68 22.59
C LYS B 305 8.15 15.35 21.21
N ALA B 306 7.95 16.24 20.26
CA ALA B 306 8.30 15.91 18.87
C ALA B 306 9.84 16.04 18.61
N ALA B 307 10.36 15.46 17.52
CA ALA B 307 9.61 14.53 16.67
C ALA B 307 9.73 13.11 17.24
N GLN B 308 8.66 12.33 17.12
CA GLN B 308 8.61 10.95 17.62
C GLN B 308 7.60 10.12 16.80
N GLY B 309 7.79 8.80 16.73
CA GLY B 309 6.81 7.93 16.13
C GLY B 309 6.00 7.34 17.29
N VAL B 310 4.67 7.51 17.26
CA VAL B 310 3.84 7.06 18.36
C VAL B 310 2.71 6.16 17.86
N LYS B 311 2.18 5.36 18.80
CA LYS B 311 0.99 4.56 18.53
C LYS B 311 -0.06 5.08 19.49
N ILE B 312 -1.29 5.28 18.99
CA ILE B 312 -2.39 5.78 19.80
C ILE B 312 -3.50 4.73 19.93
N SER B 313 -3.87 4.45 21.17
CA SER B 313 -5.04 3.60 21.44
C SER B 313 -6.19 4.49 21.86
N ALA B 314 -7.32 4.40 21.17
CA ALA B 314 -8.43 5.33 21.37
C ALA B 314 -9.65 4.69 20.74
N PRO B 315 -10.84 4.95 21.30
CA PRO B 315 -12.02 4.40 20.66
C PRO B 315 -12.28 5.02 19.30
N GLY B 316 -12.89 4.25 18.38
CA GLY B 316 -13.42 4.83 17.16
C GLY B 316 -12.42 5.04 16.04
N LEU B 317 -11.30 4.33 16.07
CA LEU B 317 -10.25 4.56 15.09
C LEU B 317 -10.36 3.65 13.88
N GLU B 318 -11.29 2.69 13.89
CA GLU B 318 -11.36 1.67 12.82
C GLU B 318 -11.32 2.24 11.40
N GLY B 319 -12.06 3.34 11.17
CA GLY B 319 -12.08 3.96 9.86
C GLY B 319 -10.99 5.00 9.60
N ALA B 320 -10.03 5.14 10.50
CA ALA B 320 -9.01 6.18 10.29
C ALA B 320 -8.32 6.04 8.92
N ILE B 321 -7.90 7.18 8.37
CA ILE B 321 -7.33 7.27 7.03
C ILE B 321 -5.84 7.62 7.07
N ALA B 322 -5.04 6.74 6.47
CA ALA B 322 -3.61 6.92 6.36
C ALA B 322 -3.25 8.18 5.56
N GLY B 323 -2.34 9.00 6.06
CA GLY B 323 -2.00 10.25 5.41
C GLY B 323 -2.70 11.47 5.99
N SER B 324 -3.76 11.23 6.76
CA SER B 324 -4.51 12.30 7.40
C SER B 324 -3.65 13.07 8.37
N ARG B 325 -3.87 14.38 8.43
CA ARG B 325 -3.32 15.16 9.54
C ARG B 325 -4.07 14.80 10.79
N LEU B 326 -3.45 15.07 11.93
CA LEU B 326 -4.09 14.83 13.20
C LEU B 326 -3.99 16.13 13.95
N LEU B 327 -5.08 16.56 14.57
CA LEU B 327 -5.00 17.81 15.35
C LEU B 327 -5.51 17.56 16.77
N VAL B 328 -5.08 18.42 17.69
CA VAL B 328 -5.51 18.26 19.07
C VAL B 328 -6.47 19.38 19.39
N VAL B 329 -7.62 19.02 19.96
CA VAL B 329 -8.58 20.07 20.32
C VAL B 329 -8.15 20.69 21.63
N GLY B 330 -7.80 21.98 21.58
CA GLY B 330 -7.42 22.71 22.77
C GLY B 330 -8.60 23.42 23.38
N PRO B 331 -8.39 24.05 24.55
CA PRO B 331 -9.46 24.73 25.31
C PRO B 331 -10.25 25.80 24.54
N ASP B 332 -9.63 26.48 23.59
CA ASP B 332 -10.35 27.56 22.90
C ASP B 332 -10.85 27.07 21.57
N ASP B 333 -10.47 25.86 21.20
CA ASP B 333 -10.69 25.35 19.86
C ASP B 333 -12.16 25.01 19.66
N ASP B 334 -12.62 25.24 18.43
CA ASP B 334 -13.92 24.78 17.96
C ASP B 334 -13.69 23.47 17.25
N GLU B 335 -14.27 22.41 17.78
CA GLU B 335 -13.97 21.04 17.31
C GLU B 335 -14.38 20.94 15.84
N GLU B 336 -15.54 21.49 15.52
CA GLU B 336 -16.03 21.38 14.16
C GLU B 336 -15.09 22.05 13.14
N GLU B 337 -14.53 23.21 13.52
CA GLU B 337 -13.50 23.85 12.70
C GLU B 337 -12.33 22.92 12.37
N LEU B 338 -11.79 22.29 13.41
CA LEU B 338 -10.65 21.40 13.25
C LEU B 338 -11.00 20.23 12.31
N GLU B 339 -12.23 19.72 12.45
CA GLU B 339 -12.68 18.62 11.58
C GLU B 339 -12.66 19.09 10.13
N GLU B 340 -13.22 20.28 9.90
CA GLU B 340 -13.26 20.78 8.54
C GLU B 340 -11.84 20.91 8.00
N GLU B 341 -10.92 21.46 8.79
CA GLU B 341 -9.62 21.68 8.19
C GLU B 341 -8.80 20.37 8.00
N VAL B 342 -8.85 19.41 8.93
CA VAL B 342 -8.19 18.12 8.61
C VAL B 342 -8.82 17.46 7.38
N GLU B 343 -10.15 17.57 7.19
CA GLU B 343 -10.79 16.99 6.00
C GLU B 343 -10.41 17.72 4.69
N SER B 344 -10.16 19.04 4.81
CA SER B 344 -9.74 19.90 3.70
C SER B 344 -8.31 19.60 3.24
N ASP B 345 -7.45 19.30 4.21
CA ASP B 345 -6.04 19.00 3.95
C ASP B 345 -5.82 17.64 3.28
N LEU B 346 -6.79 16.74 3.45
CA LEU B 346 -6.72 15.39 2.86
C LEU B 346 -6.79 15.45 1.34
#